data_5BX2
#
_entry.id   5BX2
#
_cell.length_a   177.112
_cell.length_b   54.688
_cell.length_c   83.269
_cell.angle_alpha   90.00
_cell.angle_beta   90.00
_cell.angle_gamma   90.00
#
_symmetry.space_group_name_H-M   'P 21 21 2'
#
loop_
_entity.id
_entity.type
_entity.pdbx_description
1 polymer beta-glucosidase
2 non-polymer 2-deoxy-2-fluoro-alpha-D-glucopyranose
3 non-polymer GLYCEROL
4 non-polymer 1,2-ETHANEDIOL
5 non-polymer 'CALCIUM ION'
6 water water
#
_entity_poly.entity_id   1
_entity_poly.type   'polypeptide(L)'
_entity_poly.pdbx_seq_one_letter_code
;AMALTGCSEKININEDKISHKIDIPDSAWTIGIGEKFKNAGHPNVKYPMIDDSYVQGAPLGGFGAGTIGRTYNGGFSRWH
LEIGKNKYTTVYANQFSVFQKVEGNKDGVAQVLYAGEPENGYLSSWKWDYPKESGMYYALYPNSWYTYTNKDLPVQLAVK
QFSPIIPYNYKETSYPVAVFKWTAYNPTNKNVDVSIMFTWQNMIGFFGKQVNVNSGNFNKIIKDKSKDSEIVAAVMGNIS
NDNEEWNGEYSIGVKKVPGVDISYKAKFVTTGDGSDLWHEFSKNGILDNKDDETPTKQDGIGSAIAVNFKLQPGQTIEVP
FALSWDLPIMKFGGGDKWYKMYTKYFGKNGKNSFAILKEALNNYQKWEKMIDDWQKPILSNKSKPDWYKTALFNELYYLA
DGGTAWENGKVGEKDKRTNNMFGLLECFDYNYYETLDVRFYGSFPLVMLWPDIEKQVMRQFADTINVQDSSEFKVGSNGA
MAVKKVQGMIPHDLGSSYALPWIKINAYDWQNPNIWKDLNSKYVLLVYRDYVLTGKTDKEFLKYTWKSVKTALDKLKEMD
KDNDGIPDNEGIPDQTYDTWSMKGTSAYCGSLWLAALKAAQEIGKVLKDNEAYIKYNEWYKIAQQNFEKELWNGEYYNFD
TESDHKDSIMADQLAGQWYADILRLGDILPKDHVQKALKKIYEFNVMKFENGKMGAVNGMRPDGIVDESDIQAQEVWTGV
TYALASFMKYRGMTEEAYNTAYGVYKMTYDKSGKGYWFRTPEAWTKDGNYRASMYMRPLSIWSMEVNYNEVLEHHHHHH
;
_entity_poly.pdbx_strand_id   A
#
# COMPACT_ATOMS: atom_id res chain seq x y z
N ASP A 16 2.95 32.64 -2.10
CA ASP A 16 2.41 31.49 -2.88
C ASP A 16 1.26 31.92 -3.80
N LYS A 17 1.59 32.21 -5.06
CA LYS A 17 0.61 32.53 -6.09
C LYS A 17 0.27 31.33 -6.99
N ILE A 18 1.00 30.22 -6.83
CA ILE A 18 0.85 29.06 -7.71
C ILE A 18 -0.32 28.17 -7.28
N SER A 19 -0.58 28.09 -5.97
CA SER A 19 -1.71 27.29 -5.44
C SER A 19 -3.05 27.57 -6.13
N HIS A 20 -3.30 28.84 -6.46
CA HIS A 20 -4.53 29.23 -7.13
C HIS A 20 -4.63 28.75 -8.60
N LYS A 21 -3.48 28.45 -9.21
CA LYS A 21 -3.44 27.98 -10.59
C LYS A 21 -3.59 26.45 -10.70
N ILE A 22 -3.65 25.76 -9.56
CA ILE A 22 -3.81 24.30 -9.53
C ILE A 22 -4.96 23.94 -8.61
N ASP A 23 -5.29 22.66 -8.51
N ASP A 23 -5.28 22.66 -8.48
CA ASP A 23 -6.42 22.24 -7.70
CA ASP A 23 -6.44 22.24 -7.71
C ASP A 23 -6.02 21.13 -6.74
C ASP A 23 -6.10 21.13 -6.71
N ILE A 24 -5.54 21.54 -5.58
CA ILE A 24 -5.20 20.61 -4.52
C ILE A 24 -6.36 20.56 -3.54
N PRO A 25 -6.85 19.36 -3.25
CA PRO A 25 -7.94 19.23 -2.28
C PRO A 25 -7.51 19.65 -0.88
N ASP A 26 -8.43 20.23 -0.13
CA ASP A 26 -8.09 20.67 1.23
C ASP A 26 -7.71 19.51 2.13
N SER A 27 -8.20 18.30 1.83
CA SER A 27 -7.85 17.10 2.62
C SER A 27 -6.47 16.48 2.28
N ALA A 28 -5.74 17.03 1.32
CA ALA A 28 -4.39 16.51 1.08
C ALA A 28 -3.54 16.62 2.33
N TRP A 29 -2.75 15.59 2.61
CA TRP A 29 -1.73 15.65 3.64
C TRP A 29 -0.66 16.61 3.16
N THR A 30 -0.13 17.46 4.05
N THR A 30 -0.12 17.45 4.04
CA THR A 30 0.84 18.48 3.67
CA THR A 30 0.89 18.40 3.60
C THR A 30 2.06 18.48 4.57
C THR A 30 2.05 18.57 4.57
N ILE A 31 3.21 18.87 3.99
CA ILE A 31 4.43 19.08 4.74
C ILE A 31 5.33 20.01 3.93
N GLY A 32 6.15 20.79 4.62
CA GLY A 32 7.09 21.64 3.90
C GLY A 32 8.23 20.85 3.29
N ILE A 33 8.61 21.22 2.07
CA ILE A 33 9.77 20.63 1.42
C ILE A 33 10.99 20.97 2.27
N GLY A 34 11.76 19.94 2.64
CA GLY A 34 12.92 20.13 3.50
C GLY A 34 12.60 20.19 4.98
N GLU A 35 11.33 19.99 5.36
CA GLU A 35 10.95 20.06 6.76
C GLU A 35 11.63 18.93 7.55
N LYS A 36 12.16 19.30 8.70
CA LYS A 36 12.63 18.31 9.65
C LYS A 36 11.44 17.98 10.54
N PHE A 37 11.33 16.74 10.95
CA PHE A 37 10.28 16.30 11.84
C PHE A 37 11.00 15.82 13.09
N LYS A 38 10.57 16.31 14.25
CA LYS A 38 11.29 16.08 15.50
C LYS A 38 10.77 14.92 16.32
N ASN A 39 9.51 14.54 16.11
CA ASN A 39 8.88 13.59 17.02
C ASN A 39 8.92 12.11 16.58
N ALA A 40 9.78 11.75 15.63
CA ALA A 40 9.58 10.48 14.90
C ALA A 40 9.72 9.23 15.77
N GLY A 41 8.83 8.27 15.56
CA GLY A 41 8.89 6.99 16.24
C GLY A 41 9.89 6.04 15.60
N HIS A 42 10.30 5.04 16.37
CA HIS A 42 11.26 4.01 15.93
C HIS A 42 10.78 2.63 16.40
N PRO A 43 11.37 1.55 15.86
CA PRO A 43 10.88 0.23 16.25
C PRO A 43 11.07 -0.04 17.72
N ASN A 44 10.11 -0.74 18.33
CA ASN A 44 10.19 -1.07 19.75
C ASN A 44 10.48 -2.54 20.02
N VAL A 45 11.02 -3.25 19.03
CA VAL A 45 11.29 -4.70 19.17
C VAL A 45 12.77 -5.00 19.39
N LYS A 46 13.05 -6.24 19.75
CA LYS A 46 14.41 -6.70 20.06
C LYS A 46 15.31 -6.84 18.84
N TYR A 47 14.79 -7.42 17.77
CA TYR A 47 15.60 -7.74 16.60
C TYR A 47 15.52 -6.61 15.59
N PRO A 48 16.45 -6.60 14.62
CA PRO A 48 16.45 -5.56 13.60
C PRO A 48 15.11 -5.46 12.91
N MET A 49 14.67 -4.24 12.68
CA MET A 49 13.37 -3.98 12.06
C MET A 49 13.53 -2.76 11.18
N ILE A 50 12.83 -2.75 10.05
CA ILE A 50 12.96 -1.66 9.09
C ILE A 50 12.54 -0.33 9.70
N ASP A 51 13.38 0.68 9.50
CA ASP A 51 13.06 2.06 9.85
C ASP A 51 13.70 2.94 8.79
N ASP A 52 12.92 3.28 7.77
CA ASP A 52 13.43 4.10 6.68
C ASP A 52 13.31 5.61 6.93
N SER A 53 12.97 6.03 8.14
N SER A 53 12.91 5.96 8.15
CA SER A 53 12.82 7.45 8.47
CA SER A 53 12.68 7.32 8.65
C SER A 53 11.45 7.95 8.02
C SER A 53 11.43 7.94 8.04
N TYR A 54 11.16 9.18 8.45
CA TYR A 54 9.94 9.88 8.05
C TYR A 54 10.00 10.55 6.67
N VAL A 55 11.15 10.48 5.98
CA VAL A 55 11.24 11.10 4.66
C VAL A 55 10.67 10.12 3.63
N GLN A 56 9.37 10.27 3.41
CA GLN A 56 8.61 9.39 2.56
C GLN A 56 7.66 10.22 1.71
N GLY A 57 6.99 9.55 0.78
CA GLY A 57 5.94 10.16 -0.03
C GLY A 57 4.98 9.12 -0.58
N ALA A 58 3.92 9.60 -1.21
CA ALA A 58 2.97 8.71 -1.87
C ALA A 58 3.68 8.00 -3.04
N PRO A 59 3.45 6.68 -3.19
CA PRO A 59 4.16 5.96 -4.26
C PRO A 59 3.64 6.22 -5.64
N LEU A 60 4.49 5.95 -6.61
CA LEU A 60 4.13 5.96 -8.03
C LEU A 60 4.26 4.52 -8.53
N GLY A 61 3.39 4.15 -9.46
CA GLY A 61 3.41 2.81 -10.03
C GLY A 61 2.13 2.04 -9.77
N GLY A 62 1.76 1.20 -10.71
CA GLY A 62 0.55 0.42 -10.63
C GLY A 62 0.66 -0.85 -9.79
N PHE A 63 -0.48 -1.52 -9.61
CA PHE A 63 -0.52 -2.77 -8.89
C PHE A 63 0.29 -3.82 -9.64
N GLY A 64 1.21 -4.46 -8.94
CA GLY A 64 2.06 -5.48 -9.53
C GLY A 64 3.13 -4.98 -10.49
N ALA A 65 3.29 -3.66 -10.59
CA ALA A 65 4.24 -3.03 -11.51
C ALA A 65 5.61 -2.86 -10.92
N GLY A 66 5.72 -2.98 -9.61
CA GLY A 66 6.83 -2.39 -8.90
C GLY A 66 6.51 -0.93 -8.67
N THR A 67 6.83 -0.42 -7.49
CA THR A 67 6.55 0.99 -7.19
C THR A 67 7.80 1.73 -6.81
N ILE A 68 7.72 3.04 -6.93
CA ILE A 68 8.82 3.95 -6.62
C ILE A 68 8.28 5.03 -5.69
N GLY A 69 8.87 5.15 -4.51
CA GLY A 69 8.49 6.18 -3.55
C GLY A 69 9.34 7.43 -3.71
N ARG A 70 8.72 8.49 -4.21
CA ARG A 70 9.34 9.79 -4.29
C ARG A 70 8.91 10.56 -3.06
N THR A 71 9.88 11.02 -2.30
CA THR A 71 9.59 11.56 -0.99
C THR A 71 9.21 13.04 -1.07
N TYR A 72 8.73 13.57 0.05
CA TYR A 72 8.37 14.98 0.11
C TYR A 72 9.55 15.93 -0.11
N ASN A 73 10.77 15.42 0.04
CA ASN A 73 11.97 16.22 -0.25
C ASN A 73 12.36 16.21 -1.72
N GLY A 74 11.69 15.37 -2.52
CA GLY A 74 11.87 15.35 -3.97
C GLY A 74 12.64 14.15 -4.50
N GLY A 75 13.27 13.39 -3.61
CA GLY A 75 14.14 12.29 -4.04
C GLY A 75 13.37 11.02 -4.34
N PHE A 76 13.85 10.29 -5.34
CA PHE A 76 13.32 8.96 -5.65
C PHE A 76 14.09 7.98 -4.78
N SER A 77 13.44 7.56 -3.69
CA SER A 77 14.16 6.97 -2.56
C SER A 77 13.67 5.62 -2.07
N ARG A 78 12.38 5.34 -2.16
CA ARG A 78 11.89 4.05 -1.64
C ARG A 78 11.53 3.14 -2.81
N TRP A 79 12.43 2.20 -3.07
CA TRP A 79 12.37 1.39 -4.28
C TRP A 79 11.74 0.03 -4.00
N HIS A 80 10.57 -0.19 -4.61
CA HIS A 80 9.88 -1.47 -4.55
C HIS A 80 9.81 -2.12 -5.93
N LEU A 81 10.81 -1.87 -6.76
CA LEU A 81 10.83 -2.42 -8.12
C LEU A 81 11.14 -3.91 -8.15
N GLU A 82 11.92 -4.38 -7.19
CA GLU A 82 12.15 -5.81 -6.99
C GLU A 82 10.99 -6.30 -6.14
N ILE A 83 10.08 -7.06 -6.74
CA ILE A 83 8.77 -7.32 -6.14
C ILE A 83 8.92 -8.12 -4.86
N GLY A 84 8.38 -7.55 -3.79
CA GLY A 84 8.45 -8.16 -2.46
C GLY A 84 9.54 -7.59 -1.59
N LYS A 85 10.37 -6.71 -2.14
CA LYS A 85 11.50 -6.13 -1.41
C LYS A 85 11.34 -4.62 -1.25
N ASN A 86 11.88 -4.12 -0.15
CA ASN A 86 11.93 -2.69 0.15
C ASN A 86 13.38 -2.23 0.22
N LYS A 87 13.77 -1.34 -0.67
CA LYS A 87 15.13 -0.82 -0.70
C LYS A 87 15.08 0.70 -0.63
N TYR A 88 15.56 1.27 0.48
CA TYR A 88 15.52 2.72 0.66
C TYR A 88 16.90 3.31 0.42
N THR A 89 17.02 4.00 -0.70
CA THR A 89 18.26 4.66 -1.08
C THR A 89 17.91 5.67 -2.16
N THR A 90 18.41 6.89 -2.01
CA THR A 90 18.13 7.95 -2.96
C THR A 90 19.07 7.80 -4.15
N VAL A 91 18.50 7.70 -5.33
CA VAL A 91 19.27 7.66 -6.57
C VAL A 91 19.38 9.12 -7.00
N TYR A 92 20.52 9.73 -6.69
CA TYR A 92 20.62 11.19 -6.76
C TYR A 92 20.47 11.78 -8.17
N ALA A 93 20.79 11.00 -9.20
CA ALA A 93 20.65 11.49 -10.56
C ALA A 93 19.19 11.69 -10.98
N ASN A 94 18.25 11.09 -10.26
CA ASN A 94 16.84 11.14 -10.62
C ASN A 94 16.19 12.37 -10.01
N GLN A 95 15.95 13.39 -10.83
CA GLN A 95 15.48 14.67 -10.30
C GLN A 95 14.75 15.48 -11.34
N PHE A 96 13.98 16.44 -10.85
CA PHE A 96 13.63 17.61 -11.63
C PHE A 96 14.47 18.79 -11.18
N SER A 97 14.90 19.56 -12.17
CA SER A 97 15.68 20.78 -11.95
C SER A 97 15.06 21.93 -12.72
N VAL A 98 15.36 23.15 -12.27
CA VAL A 98 14.80 24.34 -12.90
C VAL A 98 15.88 25.36 -13.18
N PHE A 99 15.71 26.07 -14.28
CA PHE A 99 16.55 27.21 -14.64
C PHE A 99 15.62 28.38 -14.84
N GLN A 100 15.98 29.55 -14.31
CA GLN A 100 15.24 30.76 -14.58
C GLN A 100 16.17 31.94 -14.82
N LYS A 101 15.83 32.75 -15.81
CA LYS A 101 16.57 33.99 -16.08
C LYS A 101 15.58 35.11 -16.38
N VAL A 102 15.66 36.20 -15.62
CA VAL A 102 14.83 37.37 -15.86
C VAL A 102 15.39 38.13 -17.06
N GLU A 103 14.53 38.53 -17.98
CA GLU A 103 14.99 39.36 -19.11
C GLU A 103 15.64 40.63 -18.60
N GLY A 104 16.83 40.94 -19.10
CA GLY A 104 17.61 42.08 -18.63
C GLY A 104 18.77 41.71 -17.73
N ASN A 105 18.70 40.53 -17.11
CA ASN A 105 19.81 40.04 -16.29
C ASN A 105 20.89 39.36 -17.12
N LYS A 106 22.11 39.40 -16.62
CA LYS A 106 23.26 38.80 -17.27
C LYS A 106 23.21 37.28 -17.19
N ASP A 107 22.99 36.76 -15.99
CA ASP A 107 22.98 35.31 -15.75
C ASP A 107 21.61 34.84 -15.23
N GLY A 108 21.37 33.55 -15.38
CA GLY A 108 20.19 32.90 -14.79
C GLY A 108 20.63 32.08 -13.58
N VAL A 109 19.67 31.42 -12.93
CA VAL A 109 19.91 30.58 -11.77
C VAL A 109 19.41 29.19 -12.12
N ALA A 110 20.13 28.17 -11.64
CA ALA A 110 19.72 26.77 -11.80
C ALA A 110 19.70 26.08 -10.45
N GLN A 111 18.75 25.19 -10.25
CA GLN A 111 18.55 24.58 -8.94
C GLN A 111 17.94 23.20 -9.12
N VAL A 112 18.54 22.20 -8.50
CA VAL A 112 17.90 20.88 -8.41
C VAL A 112 16.78 20.98 -7.36
N LEU A 113 15.61 20.43 -7.69
CA LEU A 113 14.48 20.49 -6.76
C LEU A 113 14.51 19.30 -5.81
N TYR A 114 15.55 19.27 -4.98
CA TYR A 114 15.76 18.22 -4.00
C TYR A 114 16.32 18.87 -2.75
N ALA A 115 15.65 18.67 -1.63
CA ALA A 115 16.06 19.25 -0.35
C ALA A 115 17.11 18.36 0.30
N GLY A 116 18.27 18.31 -0.33
CA GLY A 116 19.39 17.54 0.18
C GLY A 116 20.53 17.56 -0.82
N GLU A 117 21.51 16.70 -0.60
CA GLU A 117 22.65 16.60 -1.50
C GLU A 117 23.21 15.19 -1.44
N PRO A 118 24.00 14.80 -2.45
CA PRO A 118 24.59 13.46 -2.41
C PRO A 118 25.59 13.28 -1.27
N GLU A 119 25.85 12.04 -0.88
CA GLU A 119 26.79 11.76 0.22
C GLU A 119 28.26 11.88 -0.25
N ASN A 120 28.51 11.54 -1.51
CA ASN A 120 29.86 11.57 -2.08
C ASN A 120 29.99 12.63 -3.16
N GLY A 121 31.06 12.56 -3.95
CA GLY A 121 31.35 13.60 -4.94
C GLY A 121 30.67 13.46 -6.28
N TYR A 122 29.80 12.45 -6.43
CA TYR A 122 29.11 12.31 -7.68
C TYR A 122 28.09 13.42 -7.79
N LEU A 123 28.01 14.00 -8.97
CA LEU A 123 27.11 15.08 -9.30
C LEU A 123 27.39 16.34 -8.47
N SER A 124 28.63 16.53 -8.07
CA SER A 124 28.98 17.71 -7.26
C SER A 124 28.77 19.04 -7.98
N SER A 125 28.74 19.05 -9.32
CA SER A 125 28.53 20.28 -10.09
C SER A 125 27.10 20.80 -10.03
N TRP A 126 26.15 19.92 -9.71
CA TRP A 126 24.74 20.32 -9.70
C TRP A 126 24.47 21.20 -8.48
N LYS A 127 23.43 22.02 -8.55
CA LYS A 127 23.06 22.93 -7.45
C LYS A 127 22.07 22.24 -6.54
N TRP A 128 22.58 21.70 -5.44
CA TRP A 128 21.81 20.90 -4.50
C TRP A 128 21.14 21.77 -3.41
N ASP A 129 20.58 21.11 -2.41
CA ASP A 129 20.11 21.76 -1.20
C ASP A 129 19.05 22.81 -1.47
N TYR A 130 17.98 22.38 -2.13
CA TYR A 130 16.80 23.21 -2.27
C TYR A 130 16.44 23.77 -0.89
N PRO A 131 16.28 25.10 -0.78
CA PRO A 131 16.15 25.69 0.56
C PRO A 131 14.84 25.39 1.27
N LYS A 132 14.88 25.39 2.60
CA LYS A 132 13.68 25.30 3.43
C LYS A 132 12.76 26.49 3.25
N GLU A 133 11.51 26.31 3.68
N GLU A 133 11.51 26.34 3.69
CA GLU A 133 10.47 27.34 3.65
CA GLU A 133 10.52 27.43 3.65
C GLU A 133 10.27 27.94 2.27
C GLU A 133 10.23 27.95 2.25
N SER A 134 10.46 27.11 1.24
CA SER A 134 10.37 27.53 -0.14
C SER A 134 9.50 26.62 -0.99
N GLY A 135 8.57 25.91 -0.36
CA GLY A 135 7.73 25.00 -1.11
C GLY A 135 7.06 23.99 -0.21
N MET A 136 6.02 23.34 -0.73
CA MET A 136 5.24 22.38 0.03
C MET A 136 5.01 21.13 -0.79
N TYR A 137 4.84 20.02 -0.07
CA TYR A 137 4.40 18.76 -0.65
C TYR A 137 2.99 18.48 -0.17
N TYR A 138 2.17 17.93 -1.06
CA TYR A 138 0.78 17.57 -0.78
C TYR A 138 0.51 16.16 -1.28
N ALA A 139 -0.31 15.40 -0.56
CA ALA A 139 -0.66 14.06 -1.01
C ALA A 139 -2.09 13.68 -0.73
N LEU A 140 -2.77 13.21 -1.77
CA LEU A 140 -4.07 12.55 -1.62
C LEU A 140 -4.09 11.42 -2.63
N TYR A 141 -3.56 10.29 -2.20
CA TYR A 141 -3.28 9.14 -3.05
C TYR A 141 -4.49 8.82 -3.96
N PRO A 142 -4.27 8.59 -5.27
CA PRO A 142 -2.97 8.36 -5.95
C PRO A 142 -2.24 9.62 -6.44
N ASN A 143 -2.78 10.80 -6.14
CA ASN A 143 -2.13 12.06 -6.50
C ASN A 143 -1.21 12.61 -5.43
N SER A 144 -0.14 13.27 -5.85
CA SER A 144 0.64 14.10 -4.96
C SER A 144 1.11 15.33 -5.73
N TRP A 145 1.54 16.35 -5.00
CA TRP A 145 1.90 17.61 -5.62
C TRP A 145 3.08 18.21 -4.89
N TYR A 146 3.87 19.01 -5.61
CA TYR A 146 4.88 19.87 -4.99
C TYR A 146 4.65 21.28 -5.53
N THR A 147 4.77 22.26 -4.64
CA THR A 147 4.79 23.67 -5.06
C THR A 147 6.14 24.26 -4.70
N TYR A 148 6.62 25.17 -5.56
CA TYR A 148 7.93 25.78 -5.42
C TYR A 148 7.74 27.28 -5.42
N THR A 149 7.95 27.86 -4.25
CA THR A 149 7.67 29.26 -3.97
C THR A 149 8.93 29.80 -3.30
N ASN A 150 9.86 30.23 -4.13
CA ASN A 150 11.25 30.48 -3.73
C ASN A 150 11.58 31.91 -4.08
N LYS A 151 12.16 32.63 -3.13
CA LYS A 151 12.43 34.05 -3.34
C LYS A 151 13.43 34.32 -4.46
N ASP A 152 14.21 33.31 -4.85
CA ASP A 152 15.15 33.43 -5.97
C ASP A 152 14.64 32.82 -7.27
N LEU A 153 13.37 32.40 -7.28
CA LEU A 153 12.75 31.90 -8.51
C LEU A 153 11.49 32.72 -8.77
N PRO A 154 11.61 33.75 -9.63
CA PRO A 154 10.46 34.64 -9.86
C PRO A 154 9.23 33.94 -10.41
N VAL A 155 9.43 32.92 -11.24
CA VAL A 155 8.33 32.11 -11.75
C VAL A 155 8.04 30.99 -10.75
N GLN A 156 6.79 30.91 -10.33
CA GLN A 156 6.40 29.88 -9.38
C GLN A 156 5.96 28.65 -10.16
N LEU A 157 6.29 27.50 -9.60
CA LEU A 157 6.08 26.24 -10.28
C LEU A 157 5.37 25.28 -9.37
N ALA A 158 4.59 24.40 -9.96
CA ALA A 158 3.96 23.30 -9.25
C ALA A 158 3.93 22.09 -10.13
N VAL A 159 3.93 20.91 -9.52
CA VAL A 159 3.78 19.69 -10.27
C VAL A 159 2.73 18.83 -9.59
N LYS A 160 1.91 18.18 -10.41
CA LYS A 160 0.97 17.15 -9.94
C LYS A 160 1.48 15.83 -10.51
N GLN A 161 1.74 14.87 -9.64
CA GLN A 161 2.25 13.57 -10.07
C GLN A 161 1.32 12.46 -9.63
N PHE A 162 1.21 11.43 -10.46
CA PHE A 162 0.30 10.35 -10.18
C PHE A 162 0.50 9.18 -11.12
N SER A 163 -0.07 8.05 -10.72
CA SER A 163 -0.25 6.88 -11.57
C SER A 163 -1.76 6.62 -11.65
N PRO A 164 -2.22 6.01 -12.75
CA PRO A 164 -3.67 5.84 -12.96
C PRO A 164 -4.26 4.66 -12.17
N ILE A 165 -4.36 4.85 -10.86
CA ILE A 165 -4.92 3.88 -9.95
C ILE A 165 -6.41 4.18 -9.87
N ILE A 166 -7.22 3.28 -10.45
CA ILE A 166 -8.62 3.59 -10.74
C ILE A 166 -9.49 2.38 -10.37
N PRO A 167 -10.41 2.54 -9.39
CA PRO A 167 -11.33 1.47 -9.07
C PRO A 167 -12.09 0.91 -10.25
N TYR A 168 -12.32 -0.40 -10.21
CA TYR A 168 -13.05 -1.15 -11.25
C TYR A 168 -12.30 -1.14 -12.58
N ASN A 169 -11.03 -0.79 -12.55
CA ASN A 169 -10.16 -0.75 -13.72
C ASN A 169 -8.96 -1.62 -13.36
N TYR A 170 -8.73 -2.65 -14.18
CA TYR A 170 -7.67 -3.61 -13.93
C TYR A 170 -6.61 -3.52 -15.02
N LYS A 171 -6.67 -2.46 -15.82
CA LYS A 171 -5.76 -2.28 -16.93
C LYS A 171 -4.75 -1.18 -16.61
N GLU A 172 -5.17 0.08 -16.72
CA GLU A 172 -4.30 1.21 -16.42
C GLU A 172 -3.79 1.11 -14.97
N THR A 173 -4.60 0.56 -14.09
CA THR A 173 -4.23 0.35 -12.68
C THR A 173 -2.97 -0.51 -12.50
N SER A 174 -2.70 -1.37 -13.48
CA SER A 174 -1.49 -2.19 -13.49
C SER A 174 -0.23 -1.53 -14.06
N TYR A 175 -0.34 -0.33 -14.62
CA TYR A 175 0.76 0.19 -15.45
C TYR A 175 1.97 0.68 -14.62
N PRO A 176 3.18 0.40 -15.09
CA PRO A 176 4.41 0.90 -14.51
C PRO A 176 4.73 2.26 -15.09
N VAL A 177 3.96 3.27 -14.69
CA VAL A 177 4.05 4.60 -15.28
C VAL A 177 3.65 5.66 -14.27
N ALA A 178 4.24 6.83 -14.43
CA ALA A 178 3.91 8.01 -13.65
C ALA A 178 3.89 9.22 -14.56
N VAL A 179 2.96 10.13 -14.28
CA VAL A 179 2.85 11.41 -15.00
C VAL A 179 3.23 12.55 -14.04
N PHE A 180 3.96 13.52 -14.57
CA PHE A 180 4.33 14.73 -13.86
C PHE A 180 3.82 15.91 -14.65
N LYS A 181 2.69 16.45 -14.21
CA LYS A 181 2.04 17.57 -14.89
C LYS A 181 2.46 18.86 -14.23
N TRP A 182 3.29 19.63 -14.95
CA TRP A 182 3.85 20.89 -14.44
C TRP A 182 2.98 22.08 -14.79
N THR A 183 2.86 23.00 -13.84
CA THR A 183 2.24 24.30 -14.03
C THR A 183 3.26 25.37 -13.66
N ALA A 184 3.45 26.36 -14.53
CA ALA A 184 4.36 27.47 -14.26
C ALA A 184 3.59 28.78 -14.45
N TYR A 185 3.79 29.71 -13.53
CA TYR A 185 3.12 31.00 -13.54
C TYR A 185 4.09 32.12 -13.21
N ASN A 186 4.02 33.22 -13.97
CA ASN A 186 4.85 34.39 -13.72
C ASN A 186 4.04 35.51 -13.06
N PRO A 187 4.19 35.68 -11.74
CA PRO A 187 3.47 36.74 -11.04
C PRO A 187 4.17 38.11 -11.13
N THR A 188 5.34 38.17 -11.76
CA THR A 188 6.16 39.38 -11.77
C THR A 188 5.85 40.26 -12.98
N ASN A 189 6.51 41.43 -13.02
CA ASN A 189 6.33 42.39 -14.11
C ASN A 189 7.40 42.31 -15.21
N LYS A 190 8.24 41.27 -15.17
CA LYS A 190 9.25 41.06 -16.21
C LYS A 190 9.09 39.71 -16.90
N ASN A 191 9.54 39.63 -18.14
CA ASN A 191 9.61 38.35 -18.85
C ASN A 191 10.64 37.46 -18.17
N VAL A 192 10.35 36.18 -18.04
CA VAL A 192 11.30 35.23 -17.44
C VAL A 192 11.46 34.03 -18.34
N ASP A 193 12.70 33.69 -18.64
CA ASP A 193 12.99 32.45 -19.37
C ASP A 193 13.05 31.31 -18.34
N VAL A 194 12.34 30.22 -18.62
CA VAL A 194 12.24 29.11 -17.67
C VAL A 194 12.56 27.80 -18.36
N SER A 195 13.32 26.93 -17.69
CA SER A 195 13.48 25.54 -18.15
C SER A 195 13.20 24.58 -17.00
N ILE A 196 12.58 23.45 -17.34
CA ILE A 196 12.36 22.35 -16.40
C ILE A 196 13.05 21.14 -17.03
N MET A 197 13.91 20.48 -16.27
CA MET A 197 14.66 19.31 -16.75
C MET A 197 14.40 18.11 -15.84
N PHE A 198 14.13 16.98 -16.47
CA PHE A 198 13.98 15.68 -15.83
C PHE A 198 15.23 14.89 -16.15
N THR A 199 15.93 14.46 -15.11
CA THR A 199 17.08 13.57 -15.24
C THR A 199 16.76 12.22 -14.64
N TRP A 200 17.29 11.16 -15.25
CA TRP A 200 17.07 9.80 -14.77
C TRP A 200 18.30 8.94 -15.08
N GLN A 201 18.71 8.17 -14.08
CA GLN A 201 19.78 7.19 -14.23
C GLN A 201 19.27 5.95 -14.96
N ASN A 202 20.07 5.44 -15.88
CA ASN A 202 19.80 4.14 -16.45
C ASN A 202 19.98 3.12 -15.37
N MET A 203 18.88 2.68 -14.78
CA MET A 203 18.92 1.84 -13.60
C MET A 203 18.91 0.35 -13.90
N ILE A 204 19.13 -0.04 -15.15
CA ILE A 204 19.23 -1.48 -15.42
C ILE A 204 20.46 -1.98 -14.68
N GLY A 205 20.29 -3.02 -13.87
CA GLY A 205 21.34 -3.55 -13.01
C GLY A 205 21.31 -3.06 -11.56
N PHE A 206 20.43 -2.10 -11.27
CA PHE A 206 20.22 -1.60 -9.90
C PHE A 206 19.89 -2.76 -8.95
N PHE A 207 19.15 -3.74 -9.46
CA PHE A 207 18.91 -5.00 -8.75
C PHE A 207 18.90 -6.18 -9.72
N GLY A 208 19.10 -7.36 -9.16
CA GLY A 208 18.94 -8.60 -9.91
C GLY A 208 20.13 -9.02 -10.74
N LYS A 209 21.20 -8.22 -10.70
CA LYS A 209 22.41 -8.49 -11.45
C LYS A 209 23.56 -8.71 -10.45
N GLN A 210 24.12 -9.92 -10.42
N GLN A 210 24.13 -9.92 -10.47
CA GLN A 210 25.18 -10.25 -9.46
CA GLN A 210 25.14 -10.32 -9.49
C GLN A 210 26.49 -9.54 -9.78
C GLN A 210 26.55 -9.76 -9.80
N VAL A 211 26.82 -9.42 -11.06
CA VAL A 211 28.12 -8.87 -11.49
C VAL A 211 27.96 -7.86 -12.64
N ASN A 212 28.96 -7.01 -12.83
CA ASN A 212 29.01 -6.08 -13.98
C ASN A 212 27.72 -5.25 -14.08
N VAL A 213 27.39 -4.52 -13.01
CA VAL A 213 26.03 -4.00 -12.88
C VAL A 213 25.60 -2.94 -13.91
N ASN A 214 26.54 -2.17 -14.48
CA ASN A 214 26.22 -1.23 -15.55
C ASN A 214 26.51 -1.74 -16.95
N SER A 215 27.18 -2.89 -17.06
CA SER A 215 27.73 -3.32 -18.34
C SER A 215 26.66 -3.52 -19.41
N GLY A 216 26.84 -2.84 -20.54
CA GLY A 216 25.94 -2.95 -21.67
C GLY A 216 24.78 -1.97 -21.63
N ASN A 217 24.67 -1.20 -20.55
CA ASN A 217 23.61 -0.18 -20.50
C ASN A 217 23.84 0.88 -21.57
N PHE A 218 22.77 1.30 -22.23
CA PHE A 218 22.84 2.34 -23.23
C PHE A 218 21.54 3.11 -23.29
N ASN A 219 21.63 4.34 -23.78
CA ASN A 219 20.49 5.24 -23.86
C ASN A 219 20.22 5.66 -25.28
N LYS A 220 18.94 5.72 -25.66
CA LYS A 220 18.58 6.22 -26.99
C LYS A 220 17.46 7.23 -26.87
N ILE A 221 17.38 8.12 -27.86
CA ILE A 221 16.37 9.14 -27.90
C ILE A 221 15.34 8.79 -28.96
N ILE A 222 14.07 8.90 -28.57
CA ILE A 222 12.94 8.67 -29.45
C ILE A 222 12.26 10.00 -29.68
N LYS A 223 12.06 10.33 -30.95
CA LYS A 223 11.31 11.52 -31.33
C LYS A 223 10.09 11.08 -32.08
N ASP A 224 8.93 11.17 -31.45
CA ASP A 224 7.69 10.75 -32.07
C ASP A 224 6.97 11.99 -32.52
N LYS A 225 7.02 12.25 -33.83
CA LYS A 225 6.42 13.43 -34.42
C LYS A 225 5.29 12.98 -35.31
N SER A 226 4.09 13.42 -34.99
CA SER A 226 2.93 13.18 -35.84
C SER A 226 1.95 14.30 -35.59
N LYS A 227 1.42 14.87 -36.66
CA LYS A 227 0.52 16.02 -36.61
C LYS A 227 -0.06 16.27 -35.20
N ASP A 228 0.29 17.43 -34.64
CA ASP A 228 -0.22 17.89 -33.33
C ASP A 228 0.19 17.03 -32.16
N SER A 229 1.26 16.29 -32.36
CA SER A 229 1.91 15.60 -31.28
C SER A 229 3.40 15.59 -31.58
N GLU A 230 4.17 15.99 -30.60
CA GLU A 230 5.56 15.61 -30.59
C GLU A 230 5.80 15.13 -29.18
N ILE A 231 6.35 13.93 -29.08
CA ILE A 231 6.90 13.46 -27.84
C ILE A 231 8.39 13.23 -28.04
N VAL A 232 9.19 13.64 -27.07
CA VAL A 232 10.62 13.34 -27.05
C VAL A 232 10.88 12.55 -25.78
N ALA A 233 11.55 11.42 -25.92
CA ALA A 233 11.81 10.54 -24.79
C ALA A 233 13.18 9.93 -24.86
N ALA A 234 13.72 9.59 -23.69
CA ALA A 234 14.92 8.79 -23.58
C ALA A 234 14.51 7.39 -23.15
N VAL A 235 15.08 6.39 -23.81
CA VAL A 235 14.90 5.00 -23.43
C VAL A 235 16.23 4.45 -22.96
N MET A 236 16.27 4.04 -21.70
CA MET A 236 17.46 3.61 -21.02
C MET A 236 17.36 2.12 -20.81
N GLY A 237 18.14 1.37 -21.60
CA GLY A 237 18.09 -0.09 -21.58
C GLY A 237 19.46 -0.72 -21.58
N ASN A 238 19.51 -1.93 -22.13
CA ASN A 238 20.73 -2.72 -22.18
C ASN A 238 20.81 -3.43 -23.50
N ILE A 239 22.02 -3.61 -24.02
CA ILE A 239 22.18 -4.23 -25.34
C ILE A 239 21.75 -5.70 -25.35
N SER A 240 21.71 -6.32 -24.18
CA SER A 240 21.23 -7.70 -24.05
C SER A 240 19.75 -7.83 -24.40
N ASN A 241 19.42 -8.84 -25.20
CA ASN A 241 18.04 -9.21 -25.45
C ASN A 241 17.58 -10.37 -24.56
N ASP A 242 18.38 -10.69 -23.54
CA ASP A 242 18.02 -11.70 -22.55
C ASP A 242 16.74 -11.37 -21.79
N ASN A 243 16.03 -12.41 -21.39
CA ASN A 243 14.79 -12.26 -20.66
C ASN A 243 14.98 -12.69 -19.20
N GLU A 244 15.35 -11.73 -18.36
CA GLU A 244 15.68 -11.96 -16.95
C GLU A 244 15.10 -10.85 -16.08
N GLU A 245 14.99 -11.11 -14.78
CA GLU A 245 14.45 -10.14 -13.82
C GLU A 245 15.10 -8.78 -13.96
N TRP A 246 16.41 -8.76 -14.22
CA TRP A 246 17.14 -7.49 -14.20
C TRP A 246 17.00 -6.67 -15.47
N ASN A 247 16.59 -7.30 -16.58
CA ASN A 247 16.64 -6.63 -17.88
C ASN A 247 15.29 -5.99 -18.20
N GLY A 248 15.37 -4.88 -18.92
CA GLY A 248 14.19 -4.15 -19.33
C GLY A 248 14.59 -2.76 -19.76
N GLU A 249 13.70 -1.80 -19.59
CA GLU A 249 13.96 -0.41 -19.97
C GLU A 249 13.32 0.52 -18.99
N TYR A 250 13.93 1.68 -18.80
CA TYR A 250 13.27 2.85 -18.19
C TYR A 250 13.12 3.89 -19.28
N SER A 251 12.06 4.69 -19.22
CA SER A 251 11.92 5.83 -20.11
C SER A 251 11.46 7.07 -19.36
N ILE A 252 12.03 8.21 -19.70
CA ILE A 252 11.50 9.51 -19.32
C ILE A 252 11.23 10.33 -20.57
N GLY A 253 10.27 11.24 -20.52
CA GLY A 253 9.98 12.04 -21.70
C GLY A 253 8.96 13.12 -21.44
N VAL A 254 8.66 13.86 -22.50
CA VAL A 254 7.84 15.06 -22.41
C VAL A 254 7.03 15.21 -23.69
N LYS A 255 5.85 15.79 -23.56
CA LYS A 255 5.01 16.09 -24.72
C LYS A 255 5.10 17.56 -25.01
N LYS A 256 5.32 17.89 -26.27
CA LYS A 256 5.43 19.29 -26.65
C LYS A 256 4.07 19.96 -26.51
N VAL A 257 4.09 21.20 -26.02
CA VAL A 257 2.91 22.04 -25.98
C VAL A 257 3.25 23.38 -26.61
N PRO A 258 2.23 24.13 -27.06
CA PRO A 258 2.51 25.46 -27.60
C PRO A 258 3.31 26.34 -26.66
N GLY A 259 4.32 27.02 -27.20
CA GLY A 259 5.15 27.93 -26.43
C GLY A 259 6.36 27.33 -25.75
N VAL A 260 6.55 26.01 -25.86
CA VAL A 260 7.72 25.39 -25.24
C VAL A 260 8.55 24.70 -26.31
N ASP A 261 9.86 24.75 -26.12
CA ASP A 261 10.80 23.99 -26.94
C ASP A 261 11.37 22.87 -26.10
N ILE A 262 11.77 21.79 -26.75
CA ILE A 262 12.31 20.61 -26.06
C ILE A 262 13.79 20.46 -26.40
N SER A 263 14.60 20.19 -25.39
CA SER A 263 15.98 19.77 -25.62
C SER A 263 16.27 18.50 -24.81
N TYR A 264 17.38 17.85 -25.11
CA TYR A 264 17.71 16.60 -24.46
C TYR A 264 19.20 16.36 -24.44
N LYS A 265 19.62 15.45 -23.57
CA LYS A 265 20.96 14.89 -23.63
C LYS A 265 20.85 13.41 -23.38
N ALA A 266 21.29 12.61 -24.34
CA ALA A 266 21.07 11.18 -24.26
C ALA A 266 21.91 10.50 -23.19
N LYS A 267 23.13 10.97 -23.00
CA LYS A 267 24.07 10.28 -22.14
C LYS A 267 24.91 11.23 -21.32
N PHE A 268 24.70 11.23 -20.00
CA PHE A 268 25.64 11.84 -19.07
C PHE A 268 26.08 10.79 -18.07
N VAL A 269 27.24 11.01 -17.46
CA VAL A 269 27.80 10.03 -16.55
C VAL A 269 27.34 10.33 -15.12
N THR A 270 26.66 9.36 -14.53
CA THR A 270 26.13 9.52 -13.18
C THR A 270 27.19 9.28 -12.10
N THR A 271 28.20 8.49 -12.45
CA THR A 271 29.35 8.23 -11.58
C THR A 271 30.49 9.19 -11.96
N GLY A 272 30.15 10.47 -12.03
CA GLY A 272 31.09 11.55 -12.32
C GLY A 272 30.54 12.80 -11.68
N ASP A 273 31.15 13.95 -11.98
CA ASP A 273 30.72 15.18 -11.30
C ASP A 273 29.47 15.83 -11.89
N GLY A 274 28.94 15.26 -12.98
CA GLY A 274 27.70 15.72 -13.58
C GLY A 274 27.80 16.98 -14.42
N SER A 275 29.02 17.53 -14.57
CA SER A 275 29.19 18.81 -15.25
C SER A 275 28.99 18.70 -16.76
N ASP A 276 29.17 17.48 -17.29
CA ASP A 276 28.84 17.19 -18.69
C ASP A 276 27.41 17.62 -19.05
N LEU A 277 26.49 17.45 -18.10
CA LEU A 277 25.13 17.94 -18.26
C LEU A 277 24.94 19.35 -17.71
N TRP A 278 25.42 19.57 -16.49
CA TRP A 278 25.05 20.79 -15.76
C TRP A 278 25.61 22.06 -16.38
N HIS A 279 26.79 21.99 -17.00
CA HIS A 279 27.35 23.19 -17.64
C HIS A 279 26.42 23.70 -18.75
N GLU A 280 25.66 22.80 -19.35
CA GLU A 280 24.71 23.16 -20.40
C GLU A 280 23.47 23.76 -19.77
N PHE A 281 22.87 23.03 -18.83
CA PHE A 281 21.61 23.45 -18.25
C PHE A 281 21.72 24.77 -17.49
N SER A 282 22.84 24.95 -16.80
CA SER A 282 22.99 26.12 -15.93
C SER A 282 23.31 27.39 -16.71
N LYS A 283 23.75 27.25 -17.96
CA LYS A 283 24.05 28.41 -18.81
C LYS A 283 22.77 29.10 -19.26
N ASN A 284 21.91 28.35 -19.95
CA ASN A 284 20.70 28.90 -20.53
C ASN A 284 19.48 27.97 -20.47
N GLY A 285 19.56 26.91 -19.69
CA GLY A 285 18.46 25.95 -19.60
C GLY A 285 18.21 25.14 -20.85
N ILE A 286 19.21 25.05 -21.75
CA ILE A 286 19.04 24.33 -23.00
C ILE A 286 20.16 23.30 -23.12
N LEU A 287 19.78 22.06 -23.40
CA LEU A 287 20.74 20.97 -23.51
C LEU A 287 21.26 20.81 -24.95
N ASP A 288 22.30 19.98 -25.08
CA ASP A 288 23.04 19.87 -26.35
C ASP A 288 22.35 19.08 -27.48
N ASN A 289 21.28 18.35 -27.16
CA ASN A 289 20.59 17.49 -28.13
C ASN A 289 21.52 16.44 -28.71
N LYS A 290 22.46 16.00 -27.90
CA LYS A 290 23.46 15.04 -28.34
C LYS A 290 22.95 13.61 -28.13
N ASP A 291 22.74 12.93 -29.24
CA ASP A 291 22.48 11.49 -29.22
C ASP A 291 23.78 10.72 -29.14
N ASP A 292 23.75 9.61 -28.42
CA ASP A 292 24.93 8.77 -28.24
C ASP A 292 24.51 7.44 -27.65
N GLU A 293 24.48 6.41 -28.50
CA GLU A 293 24.03 5.09 -28.08
C GLU A 293 25.16 4.19 -27.58
N THR A 294 26.35 4.77 -27.37
CA THR A 294 27.47 3.96 -26.96
C THR A 294 27.17 3.31 -25.60
N PRO A 295 27.27 1.98 -25.53
CA PRO A 295 27.02 1.31 -24.26
C PRO A 295 28.15 1.57 -23.26
N THR A 296 27.80 1.54 -21.99
CA THR A 296 28.78 1.76 -20.94
C THR A 296 29.34 0.43 -20.45
N LYS A 297 30.45 0.50 -19.72
CA LYS A 297 31.10 -0.65 -19.14
C LYS A 297 30.97 -0.56 -17.62
N GLN A 298 31.79 0.25 -16.97
CA GLN A 298 31.74 0.43 -15.51
C GLN A 298 30.91 1.63 -15.08
N ASP A 299 31.01 2.72 -15.84
CA ASP A 299 30.35 3.97 -15.47
C ASP A 299 28.85 3.84 -15.46
N GLY A 300 28.22 4.48 -14.49
CA GLY A 300 26.78 4.67 -14.53
C GLY A 300 26.45 5.77 -15.50
N ILE A 301 25.31 5.62 -16.20
CA ILE A 301 24.89 6.63 -17.16
C ILE A 301 23.44 7.00 -16.93
N GLY A 302 23.06 8.15 -17.49
CA GLY A 302 21.68 8.64 -17.40
C GLY A 302 21.34 9.52 -18.58
N SER A 303 20.06 9.92 -18.64
CA SER A 303 19.54 10.78 -19.69
C SER A 303 18.82 11.96 -19.09
N ALA A 304 18.66 12.99 -19.91
CA ALA A 304 18.00 14.23 -19.51
C ALA A 304 17.08 14.72 -20.60
N ILE A 305 15.89 15.13 -20.19
CA ILE A 305 14.87 15.73 -21.07
C ILE A 305 14.47 17.06 -20.45
N ALA A 306 14.52 18.13 -21.25
CA ALA A 306 14.21 19.46 -20.75
C ALA A 306 13.27 20.20 -21.65
N VAL A 307 12.53 21.15 -21.07
CA VAL A 307 11.76 22.10 -21.85
C VAL A 307 12.19 23.49 -21.46
N ASN A 308 12.18 24.38 -22.44
CA ASN A 308 12.45 25.79 -22.20
C ASN A 308 11.35 26.64 -22.82
N PHE A 309 10.99 27.70 -22.10
CA PHE A 309 9.92 28.60 -22.53
C PHE A 309 10.09 29.96 -21.88
N LYS A 310 9.46 30.96 -22.49
CA LYS A 310 9.45 32.30 -21.94
C LYS A 310 8.06 32.60 -21.40
N LEU A 311 7.99 33.04 -20.15
CA LEU A 311 6.71 33.42 -19.55
C LEU A 311 6.65 34.93 -19.40
N GLN A 312 5.64 35.51 -20.03
CA GLN A 312 5.37 36.93 -19.88
C GLN A 312 4.66 37.16 -18.55
N PRO A 313 4.67 38.41 -18.06
CA PRO A 313 3.91 38.75 -16.85
C PRO A 313 2.48 38.22 -16.89
N GLY A 314 2.09 37.50 -15.86
CA GLY A 314 0.74 36.97 -15.74
C GLY A 314 0.41 35.71 -16.53
N GLN A 315 1.41 35.15 -17.23
CA GLN A 315 1.19 33.99 -18.10
C GLN A 315 1.37 32.67 -17.34
N THR A 316 0.53 31.69 -17.69
CA THR A 316 0.63 30.33 -17.13
C THR A 316 0.85 29.35 -18.28
N ILE A 317 1.71 28.36 -18.06
CA ILE A 317 1.90 27.26 -19.01
C ILE A 317 1.81 25.94 -18.26
N GLU A 318 1.26 24.92 -18.92
CA GLU A 318 1.22 23.56 -18.39
C GLU A 318 2.00 22.65 -19.33
N VAL A 319 2.84 21.78 -18.77
CA VAL A 319 3.61 20.84 -19.60
C VAL A 319 3.72 19.49 -18.89
N PRO A 320 3.42 18.39 -19.60
CA PRO A 320 3.50 17.07 -18.98
C PRO A 320 4.76 16.29 -19.32
N PHE A 321 5.40 15.76 -18.27
CA PHE A 321 6.46 14.77 -18.39
C PHE A 321 5.91 13.43 -17.91
N ALA A 322 6.63 12.36 -18.23
CA ALA A 322 6.28 11.05 -17.73
C ALA A 322 7.51 10.19 -17.54
N LEU A 323 7.32 9.12 -16.76
CA LEU A 323 8.33 8.11 -16.45
C LEU A 323 7.69 6.75 -16.59
N SER A 324 8.34 5.82 -17.30
CA SER A 324 7.85 4.45 -17.35
C SER A 324 8.98 3.49 -17.08
N TRP A 325 8.62 2.27 -16.67
CA TRP A 325 9.62 1.23 -16.44
C TRP A 325 9.06 -0.09 -16.91
N ASP A 326 9.73 -0.67 -17.91
CA ASP A 326 9.34 -1.96 -18.44
C ASP A 326 10.33 -3.00 -17.95
N LEU A 327 10.00 -3.61 -16.82
CA LEU A 327 10.80 -4.68 -16.23
C LEU A 327 9.83 -5.84 -16.13
N PRO A 328 9.69 -6.63 -17.20
CA PRO A 328 8.54 -7.53 -17.31
C PRO A 328 8.54 -8.73 -16.37
N ILE A 329 9.71 -9.13 -15.86
CA ILE A 329 9.84 -10.37 -15.11
C ILE A 329 10.13 -10.10 -13.65
N MET A 330 9.36 -10.74 -12.78
CA MET A 330 9.65 -10.75 -11.34
C MET A 330 10.17 -12.14 -10.96
N LYS A 331 11.25 -12.17 -10.18
CA LYS A 331 11.82 -13.42 -9.71
C LYS A 331 11.70 -13.45 -8.20
N PHE A 332 11.29 -14.60 -7.67
CA PHE A 332 11.21 -14.81 -6.24
C PHE A 332 12.35 -15.71 -5.76
N GLY A 333 12.66 -15.65 -4.48
CA GLY A 333 13.86 -16.29 -3.95
C GLY A 333 13.94 -17.78 -4.13
N GLY A 334 12.79 -18.44 -4.23
CA GLY A 334 12.76 -19.88 -4.48
C GLY A 334 13.03 -20.26 -5.92
N GLY A 335 13.15 -19.26 -6.80
CA GLY A 335 13.59 -19.45 -8.18
C GLY A 335 12.56 -19.20 -9.27
N ASP A 336 11.28 -19.10 -8.89
CA ASP A 336 10.23 -18.90 -9.89
C ASP A 336 10.29 -17.51 -10.51
N LYS A 337 10.09 -17.45 -11.81
CA LYS A 337 10.01 -16.21 -12.56
C LYS A 337 8.63 -16.10 -13.17
N TRP A 338 8.01 -14.94 -13.02
CA TRP A 338 6.67 -14.66 -13.52
C TRP A 338 6.65 -13.37 -14.27
N TYR A 339 5.77 -13.26 -15.26
CA TYR A 339 5.54 -11.98 -15.90
C TYR A 339 4.60 -11.13 -15.06
N LYS A 340 4.83 -9.83 -15.07
CA LYS A 340 3.99 -8.90 -14.33
C LYS A 340 2.70 -8.59 -15.12
N MET A 341 1.65 -8.22 -14.41
CA MET A 341 0.33 -8.03 -15.03
C MET A 341 0.34 -7.13 -16.27
N TYR A 342 1.03 -5.99 -16.20
CA TYR A 342 0.95 -5.00 -17.28
C TYR A 342 1.42 -5.56 -18.61
N THR A 343 2.22 -6.63 -18.59
CA THR A 343 2.70 -7.24 -19.83
C THR A 343 1.56 -7.73 -20.73
N LYS A 344 0.39 -7.99 -20.14
CA LYS A 344 -0.80 -8.30 -20.94
C LYS A 344 -1.09 -7.21 -21.95
N TYR A 345 -0.81 -5.96 -21.59
CA TYR A 345 -1.19 -4.82 -22.37
C TYR A 345 -0.08 -4.25 -23.26
N PHE A 346 1.18 -4.52 -22.90
CA PHE A 346 2.32 -3.94 -23.63
C PHE A 346 3.33 -4.94 -24.19
N GLY A 347 3.20 -6.20 -23.80
CA GLY A 347 4.13 -7.23 -24.21
C GLY A 347 5.09 -7.65 -23.12
N LYS A 348 5.86 -8.69 -23.40
CA LYS A 348 6.68 -9.37 -22.40
C LYS A 348 8.18 -9.26 -22.65
N ASN A 349 8.59 -8.69 -23.79
CA ASN A 349 10.01 -8.71 -24.17
C ASN A 349 10.91 -7.65 -23.52
N GLY A 350 10.33 -6.76 -22.71
CA GLY A 350 11.13 -5.79 -21.97
C GLY A 350 11.69 -4.66 -22.82
N LYS A 351 11.12 -4.45 -24.01
CA LYS A 351 11.57 -3.37 -24.90
C LYS A 351 10.41 -2.42 -25.24
N ASN A 352 9.54 -2.18 -24.27
CA ASN A 352 8.27 -1.46 -24.50
C ASN A 352 8.08 -0.22 -23.64
N SER A 353 9.15 0.29 -23.06
CA SER A 353 9.01 1.44 -22.17
C SER A 353 8.47 2.66 -22.88
N PHE A 354 8.87 2.89 -24.14
CA PHE A 354 8.37 4.06 -24.85
C PHE A 354 6.86 3.97 -25.07
N ALA A 355 6.39 2.81 -25.49
CA ALA A 355 4.96 2.61 -25.70
C ALA A 355 4.14 2.95 -24.43
N ILE A 356 4.65 2.55 -23.27
CA ILE A 356 3.98 2.82 -22.00
C ILE A 356 3.97 4.33 -21.73
N LEU A 357 5.12 4.94 -21.91
CA LEU A 357 5.28 6.36 -21.73
C LEU A 357 4.34 7.16 -22.64
N LYS A 358 4.29 6.76 -23.90
CA LYS A 358 3.48 7.45 -24.90
C LYS A 358 1.99 7.38 -24.53
N GLU A 359 1.55 6.22 -24.08
CA GLU A 359 0.15 6.06 -23.71
C GLU A 359 -0.16 7.05 -22.58
N ALA A 360 0.76 7.19 -21.61
CA ALA A 360 0.51 8.11 -20.50
C ALA A 360 0.51 9.56 -20.97
N LEU A 361 1.48 9.94 -21.78
CA LEU A 361 1.55 11.33 -22.22
C LEU A 361 0.34 11.73 -23.06
N ASN A 362 -0.22 10.78 -23.78
CA ASN A 362 -1.38 11.07 -24.63
C ASN A 362 -2.73 10.94 -23.93
N ASN A 363 -2.76 10.34 -22.74
CA ASN A 363 -4.04 10.08 -22.09
C ASN A 363 -4.13 10.55 -20.64
N TYR A 364 -3.15 11.33 -20.17
CA TYR A 364 -3.10 11.65 -18.74
C TYR A 364 -4.29 12.50 -18.29
N GLN A 365 -4.80 13.36 -19.17
CA GLN A 365 -5.92 14.22 -18.78
C GLN A 365 -7.18 13.38 -18.52
N LYS A 366 -7.38 12.37 -19.35
CA LYS A 366 -8.46 11.41 -19.15
C LYS A 366 -8.29 10.70 -17.82
N TRP A 367 -7.06 10.28 -17.52
CA TRP A 367 -6.80 9.58 -16.27
C TRP A 367 -7.06 10.46 -15.06
N GLU A 368 -6.68 11.73 -15.15
CA GLU A 368 -6.94 12.66 -14.03
C GLU A 368 -8.44 12.72 -13.74
N LYS A 369 -9.22 12.79 -14.82
CA LYS A 369 -10.68 12.91 -14.66
C LYS A 369 -11.26 11.63 -14.07
N MET A 370 -10.70 10.48 -14.45
CA MET A 370 -11.16 9.20 -13.90
C MET A 370 -10.86 9.12 -12.40
N ILE A 371 -9.70 9.61 -11.99
CA ILE A 371 -9.37 9.67 -10.58
C ILE A 371 -10.29 10.65 -9.85
N ASP A 372 -10.51 11.83 -10.43
CA ASP A 372 -11.42 12.80 -9.81
C ASP A 372 -12.82 12.21 -9.66
N ASP A 373 -13.28 11.50 -10.69
CA ASP A 373 -14.61 10.93 -10.66
C ASP A 373 -14.80 9.93 -9.51
N TRP A 374 -13.77 9.15 -9.18
N TRP A 374 -13.77 9.15 -9.22
CA TRP A 374 -13.89 8.18 -8.08
CA TRP A 374 -13.85 8.20 -8.13
C TRP A 374 -13.63 8.76 -6.70
C TRP A 374 -13.79 8.89 -6.77
N GLN A 375 -12.88 9.84 -6.62
CA GLN A 375 -12.66 10.52 -5.33
C GLN A 375 -13.80 11.47 -4.97
N LYS A 376 -14.51 11.96 -5.97
CA LYS A 376 -15.49 13.05 -5.76
C LYS A 376 -16.62 12.75 -4.79
N PRO A 377 -17.22 11.54 -4.86
CA PRO A 377 -18.32 11.28 -3.91
C PRO A 377 -17.94 11.40 -2.45
N ILE A 378 -16.73 11.00 -2.12
CA ILE A 378 -16.23 11.16 -0.76
C ILE A 378 -15.82 12.61 -0.49
N LEU A 379 -15.04 13.20 -1.39
CA LEU A 379 -14.55 14.55 -1.15
C LEU A 379 -15.69 15.56 -1.07
N SER A 380 -16.76 15.34 -1.85
CA SER A 380 -17.89 16.27 -1.87
C SER A 380 -18.85 16.10 -0.67
N ASN A 381 -18.65 15.07 0.14
CA ASN A 381 -19.52 14.84 1.29
C ASN A 381 -19.05 15.71 2.46
N LYS A 382 -19.73 16.83 2.67
CA LYS A 382 -19.30 17.81 3.66
C LYS A 382 -19.68 17.42 5.07
N SER A 383 -20.35 16.27 5.27
CA SER A 383 -20.58 15.76 6.63
C SER A 383 -19.34 15.09 7.21
N LYS A 384 -18.40 14.71 6.35
CA LYS A 384 -17.22 14.01 6.82
C LYS A 384 -16.06 14.98 6.98
N PRO A 385 -15.33 14.89 8.10
CA PRO A 385 -14.19 15.78 8.31
C PRO A 385 -13.06 15.51 7.33
N ASP A 386 -12.30 16.55 7.01
CA ASP A 386 -11.21 16.39 6.07
C ASP A 386 -10.14 15.42 6.57
N TRP A 387 -9.87 15.37 7.87
CA TRP A 387 -8.83 14.46 8.36
C TRP A 387 -9.17 13.02 8.02
N TYR A 388 -10.45 12.68 8.06
CA TYR A 388 -10.89 11.33 7.76
C TYR A 388 -10.61 11.01 6.29
N LYS A 389 -10.85 11.99 5.43
CA LYS A 389 -10.58 11.82 4.00
C LYS A 389 -9.08 11.68 3.74
N THR A 390 -8.28 12.43 4.47
CA THR A 390 -6.82 12.30 4.35
C THR A 390 -6.41 10.85 4.58
N ALA A 391 -6.89 10.27 5.66
CA ALA A 391 -6.55 8.90 6.02
C ALA A 391 -7.14 7.92 5.03
N LEU A 392 -8.41 8.09 4.70
CA LEU A 392 -9.07 7.15 3.82
C LEU A 392 -8.31 6.97 2.49
N PHE A 393 -7.97 8.07 1.84
CA PHE A 393 -7.29 7.96 0.55
C PHE A 393 -5.83 7.58 0.71
N ASN A 394 -5.12 8.19 1.66
CA ASN A 394 -3.70 7.93 1.74
C ASN A 394 -3.34 6.53 2.27
N GLU A 395 -4.21 5.91 3.07
CA GLU A 395 -3.96 4.52 3.47
C GLU A 395 -3.89 3.57 2.26
N LEU A 396 -4.56 3.94 1.16
CA LEU A 396 -4.56 3.11 -0.03
C LEU A 396 -3.19 2.97 -0.69
N TYR A 397 -2.22 3.79 -0.29
CA TYR A 397 -0.86 3.68 -0.80
C TYR A 397 -0.39 2.23 -0.71
N TYR A 398 -0.80 1.52 0.34
CA TYR A 398 -0.30 0.17 0.57
C TYR A 398 -0.72 -0.86 -0.48
N LEU A 399 -1.84 -0.63 -1.15
CA LEU A 399 -2.26 -1.57 -2.20
C LEU A 399 -1.22 -1.65 -3.30
N ALA A 400 -0.59 -0.52 -3.61
CA ALA A 400 0.53 -0.49 -4.55
C ALA A 400 1.87 -0.78 -3.89
N ASP A 401 2.09 -0.26 -2.68
CA ASP A 401 3.41 -0.29 -2.05
C ASP A 401 3.66 -1.54 -1.21
N GLY A 402 2.69 -2.45 -1.13
CA GLY A 402 2.82 -3.63 -0.31
C GLY A 402 3.42 -4.86 -0.98
N GLY A 403 4.45 -4.66 -1.81
CA GLY A 403 5.13 -5.76 -2.48
C GLY A 403 4.24 -6.52 -3.43
N THR A 404 3.27 -5.79 -3.96
CA THR A 404 2.15 -6.38 -4.67
C THR A 404 2.60 -7.15 -5.89
N ALA A 405 2.14 -8.41 -5.95
CA ALA A 405 2.50 -9.30 -7.04
C ALA A 405 1.23 -9.68 -7.81
N TRP A 406 1.28 -9.58 -9.12
CA TRP A 406 0.10 -9.82 -9.96
C TRP A 406 0.61 -10.40 -11.26
N GLU A 407 0.46 -11.72 -11.41
CA GLU A 407 1.16 -12.43 -12.49
C GLU A 407 0.37 -12.60 -13.77
N ASN A 408 1.10 -12.55 -14.88
CA ASN A 408 0.55 -12.81 -16.21
C ASN A 408 1.32 -13.96 -16.86
N GLY A 409 1.49 -15.04 -16.13
CA GLY A 409 2.14 -16.25 -16.64
C GLY A 409 3.48 -16.52 -16.00
N LYS A 410 3.78 -17.79 -15.80
CA LYS A 410 5.09 -18.20 -15.36
C LYS A 410 6.01 -18.18 -16.58
N VAL A 411 7.24 -17.75 -16.39
CA VAL A 411 8.18 -17.68 -17.50
C VAL A 411 8.44 -19.11 -18.00
N GLY A 412 8.34 -19.32 -19.30
CA GLY A 412 8.54 -20.63 -19.92
C GLY A 412 7.32 -21.55 -20.01
N GLU A 413 6.17 -21.12 -19.51
CA GLU A 413 4.96 -21.96 -19.51
C GLU A 413 4.21 -21.89 -20.83
N LYS A 416 -1.23 -21.05 -20.98
CA LYS A 416 -1.88 -19.83 -20.52
C LYS A 416 -3.12 -20.15 -19.69
N ARG A 417 -3.35 -19.36 -18.65
CA ARG A 417 -4.51 -19.54 -17.78
C ARG A 417 -5.47 -18.37 -17.95
N THR A 418 -6.69 -18.56 -17.47
CA THR A 418 -7.74 -17.54 -17.58
C THR A 418 -7.52 -16.42 -16.57
N ASN A 419 -6.98 -16.78 -15.41
CA ASN A 419 -6.87 -15.85 -14.31
C ASN A 419 -5.44 -15.42 -14.05
N ASN A 420 -5.33 -14.32 -13.33
CA ASN A 420 -4.04 -13.73 -12.96
C ASN A 420 -3.93 -13.72 -11.45
N MET A 421 -3.06 -14.53 -10.88
CA MET A 421 -2.97 -14.61 -9.42
C MET A 421 -2.39 -13.34 -8.85
N PHE A 422 -2.77 -13.05 -7.62
CA PHE A 422 -2.48 -11.78 -6.95
C PHE A 422 -2.06 -12.04 -5.52
N GLY A 423 -1.19 -11.16 -5.03
CA GLY A 423 -0.79 -11.20 -3.63
C GLY A 423 -0.30 -9.87 -3.11
N LEU A 424 -0.74 -9.56 -1.90
CA LEU A 424 -0.31 -8.40 -1.14
C LEU A 424 0.43 -8.86 0.11
N LEU A 425 1.57 -8.26 0.41
CA LEU A 425 2.32 -8.66 1.61
C LEU A 425 1.65 -8.24 2.91
N GLU A 426 1.85 -9.05 3.94
CA GLU A 426 1.54 -8.64 5.31
C GLU A 426 2.28 -7.35 5.65
N CYS A 427 3.57 -7.35 5.34
CA CYS A 427 4.49 -6.22 5.45
C CYS A 427 5.84 -6.72 4.95
N PHE A 428 6.90 -5.92 5.10
CA PHE A 428 8.23 -6.29 4.64
C PHE A 428 9.06 -6.99 5.72
N ASP A 429 8.83 -6.66 6.98
CA ASP A 429 9.54 -7.34 8.09
C ASP A 429 9.10 -8.78 8.21
N TYR A 430 7.82 -9.04 7.94
CA TYR A 430 7.28 -10.39 7.93
C TYR A 430 6.76 -10.63 6.52
N ASN A 431 7.64 -11.17 5.68
CA ASN A 431 7.45 -11.16 4.23
C ASN A 431 6.58 -12.33 3.79
N TYR A 432 5.28 -12.21 4.03
CA TYR A 432 4.31 -13.27 3.76
C TYR A 432 3.16 -12.70 2.94
N TYR A 433 2.90 -13.31 1.78
CA TYR A 433 1.79 -12.92 0.93
C TYR A 433 0.45 -13.40 1.46
N GLU A 434 -0.52 -12.50 1.48
CA GLU A 434 -1.90 -12.87 1.76
C GLU A 434 -2.06 -13.65 3.08
N THR A 435 -1.60 -13.01 4.15
CA THR A 435 -1.83 -13.50 5.48
C THR A 435 -3.32 -13.30 5.75
N LEU A 436 -4.07 -14.39 5.68
CA LEU A 436 -5.53 -14.29 5.65
C LEU A 436 -6.09 -13.74 6.96
N ASP A 437 -5.45 -14.04 8.08
CA ASP A 437 -5.90 -13.53 9.37
C ASP A 437 -5.85 -12.01 9.42
N VAL A 438 -4.94 -11.42 8.63
CA VAL A 438 -4.77 -9.98 8.55
C VAL A 438 -5.65 -9.39 7.42
N ARG A 439 -5.79 -10.13 6.32
CA ARG A 439 -6.59 -9.65 5.16
C ARG A 439 -8.09 -9.57 5.51
N PHE A 440 -8.51 -10.31 6.52
CA PHE A 440 -9.85 -10.16 7.11
C PHE A 440 -10.14 -8.69 7.43
N TYR A 441 -9.11 -7.96 7.85
CA TYR A 441 -9.19 -6.52 8.07
C TYR A 441 -8.77 -5.71 6.83
N GLY A 442 -7.65 -6.10 6.23
CA GLY A 442 -6.97 -5.27 5.24
C GLY A 442 -7.52 -5.31 3.84
N SER A 443 -8.43 -6.23 3.56
CA SER A 443 -8.90 -6.41 2.17
C SER A 443 -10.14 -5.58 1.79
N PHE A 444 -10.62 -4.73 2.68
CA PHE A 444 -11.79 -3.93 2.34
C PHE A 444 -11.67 -3.10 1.08
N PRO A 445 -10.54 -2.41 0.86
CA PRO A 445 -10.44 -1.65 -0.40
C PRO A 445 -10.55 -2.54 -1.63
N LEU A 446 -10.05 -3.77 -1.55
CA LEU A 446 -10.11 -4.65 -2.71
C LEU A 446 -11.55 -5.08 -3.00
N VAL A 447 -12.30 -5.51 -2.00
CA VAL A 447 -13.67 -5.94 -2.27
C VAL A 447 -14.51 -4.74 -2.71
N MET A 448 -14.23 -3.56 -2.16
CA MET A 448 -15.05 -2.39 -2.45
C MET A 448 -14.70 -1.72 -3.78
N LEU A 449 -13.43 -1.77 -4.18
CA LEU A 449 -12.94 -1.00 -5.33
C LEU A 449 -12.33 -1.82 -6.48
N TRP A 450 -11.82 -3.02 -6.17
CA TRP A 450 -11.25 -3.93 -7.18
C TRP A 450 -11.75 -5.36 -6.93
N PRO A 451 -13.07 -5.53 -6.97
CA PRO A 451 -13.62 -6.82 -6.54
C PRO A 451 -13.20 -8.05 -7.38
N ASP A 452 -12.81 -7.88 -8.64
CA ASP A 452 -12.34 -9.03 -9.44
C ASP A 452 -11.02 -9.56 -8.86
N ILE A 453 -10.19 -8.66 -8.32
CA ILE A 453 -8.97 -9.09 -7.66
C ILE A 453 -9.32 -9.82 -6.38
N GLU A 454 -10.22 -9.23 -5.59
CA GLU A 454 -10.61 -9.83 -4.32
C GLU A 454 -11.13 -11.25 -4.49
N LYS A 455 -12.01 -11.47 -5.46
CA LYS A 455 -12.59 -12.81 -5.65
C LYS A 455 -11.54 -13.81 -6.12
N GLN A 456 -10.63 -13.35 -6.98
CA GLN A 456 -9.51 -14.20 -7.40
C GLN A 456 -8.67 -14.65 -6.20
N VAL A 457 -8.37 -13.73 -5.29
CA VAL A 457 -7.59 -14.09 -4.11
C VAL A 457 -8.37 -15.13 -3.29
N MET A 458 -9.66 -14.93 -3.13
CA MET A 458 -10.42 -15.90 -2.35
C MET A 458 -10.50 -17.26 -3.02
N ARG A 459 -10.57 -17.30 -4.35
CA ARG A 459 -10.50 -18.58 -5.07
C ARG A 459 -9.14 -19.26 -4.88
N GLN A 460 -8.06 -18.48 -4.84
CA GLN A 460 -6.74 -19.01 -4.50
C GLN A 460 -6.81 -19.76 -3.16
N PHE A 461 -7.42 -19.16 -2.15
CA PHE A 461 -7.57 -19.83 -0.87
C PHE A 461 -8.46 -21.06 -0.96
N ALA A 462 -9.60 -20.95 -1.64
CA ALA A 462 -10.47 -22.12 -1.84
C ALA A 462 -9.67 -23.32 -2.38
N ASP A 463 -8.82 -23.05 -3.36
CA ASP A 463 -8.03 -24.11 -4.01
C ASP A 463 -7.05 -24.81 -3.08
N THR A 464 -6.65 -24.16 -1.99
CA THR A 464 -5.66 -24.73 -1.06
C THR A 464 -6.28 -25.57 0.05
N ILE A 465 -7.61 -25.53 0.20
CA ILE A 465 -8.26 -26.09 1.39
C ILE A 465 -7.80 -27.53 1.65
N ASN A 466 -7.82 -28.36 0.60
CA ASN A 466 -7.54 -29.79 0.77
C ASN A 466 -6.12 -30.18 0.41
N VAL A 467 -5.26 -29.19 0.16
CA VAL A 467 -3.84 -29.45 0.01
C VAL A 467 -3.28 -30.04 1.31
N GLN A 468 -2.44 -31.07 1.20
N GLN A 468 -2.44 -31.06 1.15
CA GLN A 468 -1.75 -31.63 2.36
CA GLN A 468 -1.70 -31.70 2.21
C GLN A 468 -0.27 -31.74 2.03
C GLN A 468 -0.22 -31.55 1.92
N ASP A 469 0.56 -31.21 2.93
CA ASP A 469 2.01 -31.28 2.81
C ASP A 469 2.48 -31.82 4.14
N SER A 470 2.88 -33.10 4.14
CA SER A 470 3.26 -33.78 5.37
C SER A 470 4.69 -33.55 5.81
N SER A 471 5.48 -32.82 5.01
CA SER A 471 6.81 -32.43 5.46
C SER A 471 6.68 -31.56 6.69
N GLU A 472 7.68 -31.59 7.55
CA GLU A 472 7.64 -30.89 8.82
C GLU A 472 8.51 -29.64 8.84
N PHE A 473 8.14 -28.71 9.71
CA PHE A 473 8.92 -27.49 9.95
C PHE A 473 9.02 -27.23 11.44
N LYS A 474 10.05 -26.49 11.83
CA LYS A 474 10.26 -26.14 13.22
C LYS A 474 9.45 -24.88 13.55
N VAL A 475 8.57 -24.99 14.54
CA VAL A 475 7.76 -23.86 14.99
C VAL A 475 8.62 -22.91 15.79
N GLY A 476 8.65 -21.65 15.38
CA GLY A 476 9.52 -20.65 15.98
C GLY A 476 9.30 -20.38 17.46
N SER A 477 8.03 -20.33 17.87
CA SER A 477 7.68 -19.95 19.25
C SER A 477 8.11 -20.97 20.31
N ASN A 478 8.11 -22.25 19.96
CA ASN A 478 8.40 -23.31 20.95
C ASN A 478 9.44 -24.34 20.52
N GLY A 479 9.88 -24.30 19.27
CA GLY A 479 10.90 -25.21 18.77
C GLY A 479 10.40 -26.60 18.46
N ALA A 480 9.08 -26.79 18.49
CA ALA A 480 8.48 -28.09 18.18
C ALA A 480 8.34 -28.26 16.67
N MET A 481 8.27 -29.52 16.22
CA MET A 481 8.08 -29.82 14.82
C MET A 481 6.60 -29.95 14.51
N ALA A 482 6.18 -29.47 13.33
CA ALA A 482 4.79 -29.58 12.91
C ALA A 482 4.67 -29.79 11.41
N VAL A 483 3.54 -30.37 11.01
CA VAL A 483 3.20 -30.62 9.62
C VAL A 483 2.93 -29.28 8.92
N LYS A 484 3.46 -29.11 7.72
CA LYS A 484 3.38 -27.85 6.98
C LYS A 484 1.96 -27.42 6.66
N LYS A 485 1.17 -28.35 6.13
CA LYS A 485 -0.19 -28.04 5.68
C LYS A 485 -1.09 -29.25 5.86
N VAL A 486 -2.14 -29.05 6.65
CA VAL A 486 -3.11 -30.10 6.97
C VAL A 486 -4.35 -29.97 6.10
N GLN A 487 -4.86 -31.09 5.59
CA GLN A 487 -6.06 -31.10 4.76
C GLN A 487 -7.24 -30.51 5.53
N GLY A 488 -7.94 -29.58 4.88
CA GLY A 488 -9.13 -28.97 5.46
C GLY A 488 -8.87 -27.75 6.33
N MET A 489 -7.59 -27.42 6.53
CA MET A 489 -7.22 -26.20 7.25
C MET A 489 -6.80 -25.15 6.24
N ILE A 490 -7.37 -23.95 6.37
CA ILE A 490 -7.01 -22.83 5.49
C ILE A 490 -5.59 -22.42 5.84
N PRO A 491 -4.77 -22.10 4.81
CA PRO A 491 -3.41 -21.67 5.10
C PRO A 491 -3.35 -20.27 5.69
N HIS A 492 -2.34 -20.02 6.49
CA HIS A 492 -2.06 -18.70 7.03
C HIS A 492 -1.71 -17.71 5.93
N ASP A 493 -0.98 -18.17 4.92
CA ASP A 493 -0.46 -17.31 3.86
C ASP A 493 -0.19 -18.11 2.61
N LEU A 494 0.06 -17.39 1.51
CA LEU A 494 0.32 -18.00 0.21
C LEU A 494 1.80 -17.89 -0.17
N GLY A 495 2.66 -17.85 0.83
CA GLY A 495 4.10 -17.94 0.63
C GLY A 495 4.83 -16.62 0.88
N SER A 496 6.11 -16.61 0.51
CA SER A 496 6.98 -15.48 0.74
C SER A 496 7.72 -15.11 -0.52
N SER A 497 8.03 -13.82 -0.70
CA SER A 497 8.82 -13.39 -1.87
C SER A 497 10.23 -13.97 -1.84
N TYR A 498 10.68 -14.39 -0.66
CA TYR A 498 11.97 -15.06 -0.51
C TYR A 498 11.94 -16.52 -0.95
N ALA A 499 10.75 -17.05 -1.21
CA ALA A 499 10.55 -18.46 -1.54
C ALA A 499 9.64 -18.54 -2.78
N LEU A 500 8.45 -19.14 -2.68
CA LEU A 500 7.64 -19.39 -3.89
C LEU A 500 6.17 -18.98 -3.72
N PRO A 501 5.90 -17.69 -3.94
CA PRO A 501 4.51 -17.25 -3.84
C PRO A 501 3.56 -18.08 -4.69
N TRP A 502 2.39 -18.39 -4.12
CA TRP A 502 1.30 -19.13 -4.80
C TRP A 502 1.56 -20.62 -4.95
N ILE A 503 2.78 -21.04 -4.67
CA ILE A 503 3.22 -22.43 -4.92
C ILE A 503 3.50 -23.15 -3.60
N LYS A 504 4.34 -22.55 -2.76
CA LYS A 504 4.65 -23.03 -1.42
C LYS A 504 3.96 -22.12 -0.40
N ILE A 505 2.82 -22.60 0.10
CA ILE A 505 2.01 -21.86 1.06
C ILE A 505 2.50 -22.11 2.50
N ASN A 506 1.95 -21.34 3.44
CA ASN A 506 2.37 -21.40 4.84
C ASN A 506 3.87 -21.19 5.05
N ALA A 507 4.40 -20.13 4.45
CA ALA A 507 5.79 -19.75 4.70
C ALA A 507 6.01 -19.33 6.14
N TYR A 508 5.00 -18.72 6.74
CA TYR A 508 5.04 -18.35 8.15
C TYR A 508 5.26 -19.54 9.05
N ASP A 509 6.17 -19.39 10.01
CA ASP A 509 6.50 -20.49 10.90
C ASP A 509 6.61 -20.13 12.38
N TRP A 510 6.26 -18.89 12.75
CA TRP A 510 6.34 -18.48 14.16
C TRP A 510 5.38 -19.32 15.03
N GLN A 511 4.19 -19.57 14.50
CA GLN A 511 3.24 -20.51 15.09
C GLN A 511 2.82 -21.50 14.02
N ASN A 512 2.16 -22.56 14.42
CA ASN A 512 1.61 -23.53 13.48
C ASN A 512 0.20 -23.14 13.08
N PRO A 513 0.02 -22.60 11.86
CA PRO A 513 -1.32 -22.13 11.47
C PRO A 513 -2.36 -23.23 11.27
N ASN A 514 -1.93 -24.48 11.19
CA ASN A 514 -2.88 -25.58 11.03
C ASN A 514 -3.71 -25.86 12.28
N ILE A 515 -3.33 -25.26 13.41
CA ILE A 515 -4.17 -25.32 14.60
C ILE A 515 -4.79 -23.96 14.97
N TRP A 516 -4.72 -22.98 14.08
CA TRP A 516 -5.35 -21.70 14.42
C TRP A 516 -6.86 -21.81 14.44
N LYS A 517 -7.50 -21.00 15.29
CA LYS A 517 -8.93 -21.08 15.47
C LYS A 517 -9.67 -19.96 14.75
N ASP A 518 -8.92 -19.03 14.13
CA ASP A 518 -9.56 -17.91 13.39
C ASP A 518 -9.50 -18.04 11.87
N LEU A 519 -8.50 -18.73 11.31
CA LEU A 519 -8.34 -18.77 9.86
C LEU A 519 -9.54 -19.38 9.13
N ASN A 520 -10.01 -20.53 9.58
CA ASN A 520 -11.12 -21.18 8.87
C ASN A 520 -12.42 -20.37 8.95
N SER A 521 -12.69 -19.73 10.09
CA SER A 521 -13.89 -18.90 10.23
C SER A 521 -13.76 -17.57 9.44
N LYS A 522 -12.59 -16.94 9.53
CA LYS A 522 -12.36 -15.72 8.76
C LYS A 522 -12.48 -15.99 7.26
N TYR A 523 -12.02 -17.15 6.82
CA TYR A 523 -12.15 -17.53 5.41
C TYR A 523 -13.62 -17.52 4.97
N VAL A 524 -14.46 -18.18 5.74
CA VAL A 524 -15.89 -18.25 5.43
C VAL A 524 -16.53 -16.85 5.43
N LEU A 525 -16.16 -16.06 6.44
CA LEU A 525 -16.68 -14.69 6.56
C LEU A 525 -16.24 -13.81 5.38
N LEU A 526 -15.00 -13.99 4.93
CA LEU A 526 -14.51 -13.28 3.75
C LEU A 526 -15.28 -13.69 2.49
N VAL A 527 -15.53 -14.98 2.33
CA VAL A 527 -16.30 -15.45 1.19
C VAL A 527 -17.68 -14.80 1.16
N TYR A 528 -18.39 -14.85 2.28
CA TYR A 528 -19.74 -14.32 2.29
C TYR A 528 -19.71 -12.78 2.16
N ARG A 529 -18.73 -12.14 2.79
CA ARG A 529 -18.56 -10.69 2.63
C ARG A 529 -18.44 -10.32 1.16
N ASP A 530 -17.63 -11.09 0.44
CA ASP A 530 -17.35 -10.78 -0.95
C ASP A 530 -18.60 -10.97 -1.83
N TYR A 531 -19.47 -11.91 -1.46
CA TYR A 531 -20.78 -12.04 -2.10
C TYR A 531 -21.70 -10.84 -1.78
N VAL A 532 -21.81 -10.49 -0.50
CA VAL A 532 -22.71 -9.40 -0.07
C VAL A 532 -22.28 -8.04 -0.63
N LEU A 533 -20.99 -7.71 -0.53
CA LEU A 533 -20.54 -6.38 -0.90
C LEU A 533 -20.36 -6.17 -2.39
N THR A 534 -20.59 -7.21 -3.19
CA THR A 534 -20.67 -7.08 -4.65
C THR A 534 -22.10 -7.30 -5.16
N GLY A 535 -23.08 -7.17 -4.27
CA GLY A 535 -24.49 -7.06 -4.67
C GLY A 535 -25.36 -8.28 -4.49
N LYS A 536 -24.85 -9.31 -3.81
CA LYS A 536 -25.57 -10.59 -3.64
C LYS A 536 -26.05 -11.19 -4.98
N THR A 537 -25.23 -11.08 -6.02
CA THR A 537 -25.57 -11.66 -7.31
C THR A 537 -24.64 -12.77 -7.77
N ASP A 538 -23.46 -12.89 -7.17
CA ASP A 538 -22.43 -13.80 -7.68
C ASP A 538 -22.58 -15.19 -7.08
N LYS A 539 -23.62 -15.90 -7.52
N LYS A 539 -23.62 -15.89 -7.53
CA LYS A 539 -23.86 -17.28 -7.11
CA LYS A 539 -23.87 -17.26 -7.10
C LYS A 539 -22.72 -18.20 -7.51
C LYS A 539 -22.73 -18.21 -7.52
N GLU A 540 -22.12 -17.93 -8.66
CA GLU A 540 -21.00 -18.76 -9.16
C GLU A 540 -19.81 -18.72 -8.21
N PHE A 541 -19.53 -17.55 -7.63
CA PHE A 541 -18.45 -17.45 -6.63
C PHE A 541 -18.78 -18.27 -5.38
N LEU A 542 -20.05 -18.25 -4.97
CA LEU A 542 -20.47 -19.08 -3.83
C LEU A 542 -20.37 -20.56 -4.17
N LYS A 543 -20.77 -20.94 -5.39
CA LYS A 543 -20.64 -22.33 -5.81
C LYS A 543 -19.18 -22.79 -5.84
N TYR A 544 -18.31 -21.95 -6.39
CA TYR A 544 -16.90 -22.28 -6.46
C TYR A 544 -16.30 -22.59 -5.09
N THR A 545 -16.70 -21.81 -4.08
CA THR A 545 -16.11 -21.85 -2.76
C THR A 545 -16.87 -22.71 -1.74
N TRP A 546 -18.04 -23.23 -2.12
CA TRP A 546 -18.94 -23.85 -1.14
C TRP A 546 -18.35 -25.09 -0.46
N LYS A 547 -17.76 -25.98 -1.24
CA LYS A 547 -17.15 -27.17 -0.64
C LYS A 547 -16.08 -26.80 0.36
N SER A 548 -15.26 -25.79 0.05
CA SER A 548 -14.20 -25.37 0.96
C SER A 548 -14.76 -24.72 2.24
N VAL A 549 -15.88 -24.02 2.12
CA VAL A 549 -16.53 -23.38 3.26
C VAL A 549 -17.03 -24.46 4.24
N LYS A 550 -17.74 -25.45 3.71
CA LYS A 550 -18.22 -26.55 4.55
C LYS A 550 -17.07 -27.31 5.21
N THR A 551 -16.06 -27.68 4.42
CA THR A 551 -14.88 -28.33 4.96
C THR A 551 -14.23 -27.51 6.07
N ALA A 552 -14.06 -26.21 5.84
CA ALA A 552 -13.40 -25.35 6.81
C ALA A 552 -14.14 -25.36 8.16
N LEU A 553 -15.46 -25.24 8.12
CA LEU A 553 -16.24 -25.22 9.35
C LEU A 553 -16.27 -26.58 10.05
N ASP A 554 -16.39 -27.63 9.24
CA ASP A 554 -16.41 -28.99 9.76
C ASP A 554 -15.12 -29.32 10.48
N LYS A 555 -13.98 -28.89 9.92
CA LYS A 555 -12.70 -29.14 10.57
C LYS A 555 -12.52 -28.36 11.86
N LEU A 556 -12.99 -27.12 11.88
CA LEU A 556 -12.90 -26.30 13.07
C LEU A 556 -13.80 -26.83 14.20
N LYS A 557 -14.93 -27.45 13.85
CA LYS A 557 -15.82 -28.06 14.85
C LYS A 557 -15.12 -29.17 15.61
N GLU A 558 -14.22 -29.90 14.95
CA GLU A 558 -13.44 -30.97 15.60
C GLU A 558 -12.51 -30.46 16.70
N MET A 559 -12.21 -29.16 16.72
CA MET A 559 -11.36 -28.57 17.75
C MET A 559 -12.12 -28.16 19.02
N ASP A 560 -13.41 -28.48 19.07
CA ASP A 560 -14.18 -28.33 20.30
C ASP A 560 -13.86 -29.52 21.20
N LYS A 561 -13.12 -29.28 22.28
CA LYS A 561 -12.65 -30.36 23.16
C LYS A 561 -13.74 -30.84 24.13
N ASP A 562 -14.62 -29.93 24.54
CA ASP A 562 -15.55 -30.19 25.66
C ASP A 562 -17.03 -30.15 25.27
N ASN A 563 -17.30 -30.27 23.98
CA ASN A 563 -18.68 -30.30 23.48
C ASN A 563 -19.60 -29.15 23.94
N ASP A 564 -19.05 -27.94 24.06
CA ASP A 564 -19.90 -26.75 24.24
C ASP A 564 -20.28 -26.14 22.88
N GLY A 565 -19.82 -26.77 21.80
CA GLY A 565 -20.16 -26.37 20.44
C GLY A 565 -19.25 -25.30 19.85
N ILE A 566 -18.18 -24.99 20.55
CA ILE A 566 -17.26 -23.91 20.17
C ILE A 566 -15.82 -24.44 20.19
N PRO A 567 -15.04 -24.17 19.14
CA PRO A 567 -13.63 -24.61 19.19
C PRO A 567 -12.90 -24.05 20.41
N ASP A 568 -11.99 -24.83 20.98
CA ASP A 568 -11.23 -24.46 22.17
C ASP A 568 -9.89 -23.86 21.78
N ASN A 569 -9.64 -22.60 22.14
CA ASN A 569 -8.28 -22.06 22.05
C ASN A 569 -7.40 -22.87 23.01
N GLU A 570 -6.15 -23.10 22.62
CA GLU A 570 -5.35 -24.13 23.29
C GLU A 570 -4.32 -23.64 24.30
N GLY A 571 -4.47 -22.40 24.78
CA GLY A 571 -3.54 -21.86 25.78
C GLY A 571 -2.21 -21.45 25.19
N ILE A 572 -2.18 -21.27 23.88
CA ILE A 572 -1.04 -20.74 23.16
C ILE A 572 -1.62 -19.73 22.18
N PRO A 573 -0.77 -18.95 21.52
CA PRO A 573 -1.33 -18.01 20.52
C PRO A 573 -1.72 -18.70 19.21
N ASP A 574 -2.98 -19.12 19.11
CA ASP A 574 -3.45 -19.88 17.96
C ASP A 574 -4.44 -19.06 17.11
N GLN A 575 -4.04 -17.82 16.86
CA GLN A 575 -4.84 -16.89 16.05
C GLN A 575 -4.00 -15.63 15.81
N THR A 576 -4.58 -14.64 15.11
CA THR A 576 -3.83 -13.47 14.63
C THR A 576 -2.99 -12.73 15.67
N TYR A 577 -3.44 -12.71 16.93
CA TYR A 577 -2.66 -12.14 18.00
C TYR A 577 -1.66 -13.22 18.39
N ASP A 578 -0.62 -13.35 17.58
CA ASP A 578 0.21 -14.55 17.55
C ASP A 578 1.30 -14.62 18.63
N THR A 579 1.26 -13.71 19.59
CA THR A 579 1.99 -13.89 20.84
C THR A 579 1.09 -13.77 22.07
N TRP A 580 -0.21 -13.60 21.87
CA TRP A 580 -1.19 -13.40 22.94
C TRP A 580 -2.03 -14.66 23.09
N SER A 581 -1.84 -15.39 24.19
CA SER A 581 -2.50 -16.68 24.35
C SER A 581 -3.98 -16.54 24.69
N MET A 582 -4.78 -17.40 24.07
CA MET A 582 -6.17 -17.60 24.42
C MET A 582 -6.37 -19.05 24.81
N LYS A 583 -7.32 -19.29 25.70
CA LYS A 583 -7.59 -20.63 26.20
C LYS A 583 -9.07 -20.81 26.47
N GLY A 584 -9.63 -21.92 25.99
CA GLY A 584 -11.04 -22.21 26.14
C GLY A 584 -11.86 -21.51 25.07
N THR A 585 -13.02 -21.00 25.45
CA THR A 585 -13.83 -20.18 24.54
C THR A 585 -13.35 -18.76 24.65
N SER A 586 -12.92 -18.17 23.52
CA SER A 586 -12.52 -16.76 23.50
C SER A 586 -13.61 -15.92 22.86
N ALA A 587 -13.71 -14.67 23.30
CA ALA A 587 -14.64 -13.73 22.70
C ALA A 587 -14.32 -13.58 21.22
N TYR A 588 -13.03 -13.44 20.93
CA TYR A 588 -12.58 -13.21 19.56
C TYR A 588 -12.90 -14.39 18.64
N CYS A 589 -12.30 -15.55 18.90
CA CYS A 589 -12.50 -16.68 18.02
C CYS A 589 -13.93 -17.23 18.14
N GLY A 590 -14.53 -17.09 19.31
CA GLY A 590 -15.89 -17.57 19.51
C GLY A 590 -16.91 -16.77 18.71
N SER A 591 -16.75 -15.44 18.71
CA SER A 591 -17.68 -14.60 17.95
C SER A 591 -17.48 -14.80 16.44
N LEU A 592 -16.24 -14.95 16.00
CA LEU A 592 -15.96 -15.24 14.59
C LEU A 592 -16.61 -16.56 14.16
N TRP A 593 -16.55 -17.56 15.03
CA TRP A 593 -17.19 -18.85 14.80
C TRP A 593 -18.71 -18.73 14.67
N LEU A 594 -19.32 -18.02 15.60
CA LEU A 594 -20.77 -17.77 15.54
C LEU A 594 -21.14 -17.12 14.22
N ALA A 595 -20.39 -16.09 13.83
CA ALA A 595 -20.74 -15.37 12.62
C ALA A 595 -20.51 -16.23 11.37
N ALA A 596 -19.44 -17.03 11.36
CA ALA A 596 -19.15 -17.90 10.24
C ALA A 596 -20.25 -18.96 10.06
N LEU A 597 -20.77 -19.45 11.17
CA LEU A 597 -21.88 -20.40 11.09
C LEU A 597 -23.12 -19.76 10.49
N LYS A 598 -23.41 -18.53 10.88
CA LYS A 598 -24.57 -17.83 10.34
C LYS A 598 -24.37 -17.52 8.86
N ALA A 599 -23.16 -17.15 8.46
CA ALA A 599 -22.85 -16.96 7.05
C ALA A 599 -23.06 -18.24 6.25
N ALA A 600 -22.60 -19.36 6.78
CA ALA A 600 -22.70 -20.63 6.05
C ALA A 600 -24.15 -21.09 5.94
N GLN A 601 -24.96 -20.82 6.96
CA GLN A 601 -26.40 -21.06 6.88
C GLN A 601 -27.01 -20.31 5.71
N GLU A 602 -26.65 -19.04 5.58
CA GLU A 602 -27.18 -18.20 4.51
C GLU A 602 -26.73 -18.68 3.14
N ILE A 603 -25.46 -19.09 3.00
CA ILE A 603 -24.98 -19.63 1.74
C ILE A 603 -25.75 -20.91 1.40
N GLY A 604 -25.93 -21.77 2.41
CA GLY A 604 -26.70 -22.99 2.22
C GLY A 604 -28.10 -22.72 1.71
N LYS A 605 -28.73 -21.65 2.20
CA LYS A 605 -30.06 -21.28 1.71
C LYS A 605 -29.98 -20.82 0.25
N VAL A 606 -28.98 -20.00 -0.07
CA VAL A 606 -28.83 -19.50 -1.43
C VAL A 606 -28.58 -20.64 -2.41
N LEU A 607 -27.76 -21.61 -2.02
CA LEU A 607 -27.39 -22.71 -2.91
C LEU A 607 -28.32 -23.92 -2.78
N LYS A 608 -29.38 -23.77 -1.98
CA LYS A 608 -30.36 -24.84 -1.74
C LYS A 608 -29.70 -26.12 -1.23
N ASP A 609 -28.79 -25.97 -0.27
CA ASP A 609 -28.15 -27.08 0.39
C ASP A 609 -28.83 -27.20 1.76
N ASN A 610 -29.95 -27.93 1.78
CA ASN A 610 -30.77 -27.99 2.98
C ASN A 610 -30.07 -28.61 4.18
N GLU A 611 -29.35 -29.70 3.95
CA GLU A 611 -28.70 -30.39 5.05
C GLU A 611 -27.59 -29.54 5.67
N ALA A 612 -26.90 -28.75 4.86
CA ALA A 612 -25.92 -27.80 5.38
C ALA A 612 -26.59 -26.72 6.21
N TYR A 613 -27.67 -26.16 5.70
CA TYR A 613 -28.41 -25.14 6.44
C TYR A 613 -28.82 -25.66 7.81
N ILE A 614 -29.41 -26.84 7.85
CA ILE A 614 -29.86 -27.41 9.12
C ILE A 614 -28.71 -27.66 10.09
N LYS A 615 -27.62 -28.23 9.58
CA LYS A 615 -26.50 -28.56 10.44
C LYS A 615 -25.87 -27.31 11.05
N TYR A 616 -25.61 -26.29 10.22
CA TYR A 616 -24.95 -25.09 10.72
C TYR A 616 -25.88 -24.24 11.58
N ASN A 617 -27.18 -24.29 11.30
CA ASN A 617 -28.17 -23.68 12.17
C ASN A 617 -28.16 -24.34 13.56
N GLU A 618 -28.11 -25.68 13.59
CA GLU A 618 -28.01 -26.41 14.86
C GLU A 618 -26.76 -26.06 15.66
N TRP A 619 -25.61 -26.07 14.99
CA TRP A 619 -24.35 -25.71 15.63
C TRP A 619 -24.39 -24.27 16.13
N TYR A 620 -24.96 -23.37 15.33
CA TYR A 620 -25.07 -21.97 15.68
C TYR A 620 -25.89 -21.76 16.96
N LYS A 621 -27.06 -22.36 17.04
CA LYS A 621 -27.93 -22.17 18.21
C LYS A 621 -27.26 -22.63 19.51
N ILE A 622 -26.58 -23.77 19.47
CA ILE A 622 -25.88 -24.30 20.63
C ILE A 622 -24.69 -23.42 21.02
N ALA A 623 -23.85 -23.09 20.04
CA ALA A 623 -22.69 -22.24 20.29
C ALA A 623 -23.08 -20.85 20.81
N GLN A 624 -24.14 -20.28 20.24
CA GLN A 624 -24.58 -18.95 20.61
C GLN A 624 -25.00 -18.92 22.08
N GLN A 625 -25.83 -19.89 22.47
CA GLN A 625 -26.27 -20.01 23.84
C GLN A 625 -25.09 -20.10 24.80
N ASN A 626 -24.16 -20.99 24.50
CA ASN A 626 -23.01 -21.21 25.36
C ASN A 626 -21.98 -20.06 25.38
N PHE A 627 -21.80 -19.39 24.24
CA PHE A 627 -20.94 -18.22 24.16
C PHE A 627 -21.45 -17.15 25.13
N GLU A 628 -22.75 -16.86 25.04
CA GLU A 628 -23.38 -15.87 25.90
C GLU A 628 -23.23 -16.25 27.38
N LYS A 629 -23.50 -17.52 27.70
CA LYS A 629 -23.40 -18.01 29.09
C LYS A 629 -21.99 -17.92 29.65
N GLU A 630 -21.01 -18.34 28.86
CA GLU A 630 -19.64 -18.43 29.31
C GLU A 630 -18.95 -17.07 29.43
N LEU A 631 -19.30 -16.11 28.56
CA LEU A 631 -18.52 -14.87 28.44
C LEU A 631 -19.21 -13.56 28.84
N TRP A 632 -20.53 -13.48 28.73
CA TRP A 632 -21.22 -12.23 29.06
C TRP A 632 -21.17 -12.01 30.57
N ASN A 633 -20.48 -10.94 31.00
CA ASN A 633 -20.30 -10.65 32.44
C ASN A 633 -21.20 -9.54 32.98
N GLY A 634 -22.08 -9.01 32.15
CA GLY A 634 -22.99 -7.92 32.55
C GLY A 634 -22.58 -6.54 32.04
N GLU A 635 -21.31 -6.39 31.70
CA GLU A 635 -20.76 -5.14 31.15
C GLU A 635 -20.09 -5.31 29.78
N TYR A 636 -19.38 -6.42 29.60
CA TYR A 636 -18.73 -6.71 28.32
C TYR A 636 -18.55 -8.22 28.22
N TYR A 637 -17.95 -8.70 27.14
CA TYR A 637 -17.66 -10.12 27.01
C TYR A 637 -16.23 -10.38 27.44
N ASN A 638 -16.04 -11.32 28.37
CA ASN A 638 -14.70 -11.67 28.84
C ASN A 638 -13.80 -12.12 27.69
N PHE A 639 -12.50 -11.86 27.83
CA PHE A 639 -11.48 -12.25 26.84
C PHE A 639 -11.57 -13.73 26.51
N ASP A 640 -11.61 -14.58 27.53
CA ASP A 640 -11.87 -16.00 27.30
C ASP A 640 -12.31 -16.66 28.60
N THR A 641 -12.40 -17.99 28.61
CA THR A 641 -12.90 -18.71 29.78
C THR A 641 -11.83 -19.30 30.68
N GLU A 642 -10.59 -19.42 30.20
CA GLU A 642 -9.55 -20.16 30.94
C GLU A 642 -8.19 -19.48 31.19
N SER A 643 -7.89 -18.37 30.51
CA SER A 643 -6.61 -17.69 30.70
C SER A 643 -6.46 -17.03 32.07
N ASP A 644 -5.23 -16.67 32.41
CA ASP A 644 -4.94 -15.96 33.67
C ASP A 644 -5.67 -14.61 33.78
N HIS A 645 -5.71 -13.86 32.69
CA HIS A 645 -6.45 -12.59 32.65
C HIS A 645 -7.67 -12.70 31.74
N LYS A 646 -8.51 -13.70 32.02
CA LYS A 646 -9.72 -13.96 31.25
C LYS A 646 -10.73 -12.80 31.27
N ASP A 647 -10.65 -11.93 32.28
CA ASP A 647 -11.58 -10.81 32.42
C ASP A 647 -11.07 -9.51 31.80
N SER A 648 -9.98 -9.59 31.05
CA SER A 648 -9.53 -8.43 30.29
C SER A 648 -10.59 -8.00 29.30
N ILE A 649 -10.63 -6.68 29.05
CA ILE A 649 -11.50 -6.08 28.05
C ILE A 649 -10.68 -6.03 26.77
N MET A 650 -11.09 -6.80 25.78
CA MET A 650 -10.37 -6.86 24.50
C MET A 650 -11.05 -5.94 23.52
N ALA A 651 -10.27 -5.11 22.83
CA ALA A 651 -10.84 -4.18 21.85
C ALA A 651 -11.58 -4.92 20.73
N ASP A 652 -11.09 -6.11 20.36
CA ASP A 652 -11.62 -6.89 19.24
C ASP A 652 -12.56 -8.02 19.69
N GLN A 653 -13.06 -7.92 20.92
CA GLN A 653 -13.87 -9.01 21.52
C GLN A 653 -15.07 -9.43 20.68
N LEU A 654 -15.69 -8.51 19.95
CA LEU A 654 -16.86 -8.85 19.14
C LEU A 654 -16.62 -8.75 17.64
N ALA A 655 -15.42 -9.15 17.21
CA ALA A 655 -15.10 -9.14 15.78
C ALA A 655 -16.12 -9.88 14.91
N GLY A 656 -16.69 -10.96 15.41
CA GLY A 656 -17.69 -11.68 14.64
C GLY A 656 -18.97 -10.88 14.41
N GLN A 657 -19.39 -10.13 15.41
CA GLN A 657 -20.55 -9.26 15.27
C GLN A 657 -20.29 -8.09 14.34
N TRP A 658 -19.06 -7.56 14.36
CA TRP A 658 -18.66 -6.53 13.41
C TRP A 658 -18.89 -7.02 11.98
N TYR A 659 -18.34 -8.18 11.66
CA TYR A 659 -18.54 -8.72 10.33
C TYR A 659 -20.01 -9.06 10.06
N ALA A 660 -20.72 -9.56 11.08
CA ALA A 660 -22.13 -9.88 10.90
C ALA A 660 -22.93 -8.63 10.47
N ASP A 661 -22.57 -7.47 11.02
CA ASP A 661 -23.20 -6.21 10.61
C ASP A 661 -22.98 -5.92 9.13
N ILE A 662 -21.73 -6.05 8.69
CA ILE A 662 -21.35 -5.82 7.31
C ILE A 662 -22.04 -6.79 6.37
N LEU A 663 -22.18 -8.04 6.81
CA LEU A 663 -22.72 -9.11 6.00
C LEU A 663 -24.25 -9.15 6.08
N ARG A 664 -24.83 -8.25 6.87
CA ARG A 664 -26.27 -8.16 7.07
C ARG A 664 -26.86 -9.48 7.61
N LEU A 665 -26.15 -10.05 8.58
CA LEU A 665 -26.54 -11.33 9.18
C LEU A 665 -27.29 -11.13 10.49
N GLY A 666 -27.56 -9.88 10.85
CA GLY A 666 -28.34 -9.58 12.03
C GLY A 666 -27.58 -9.75 13.33
N ASP A 667 -28.34 -9.98 14.39
CA ASP A 667 -27.78 -10.07 15.73
C ASP A 667 -27.28 -11.48 15.95
N ILE A 668 -25.99 -11.63 16.20
CA ILE A 668 -25.46 -12.89 16.72
C ILE A 668 -25.40 -12.83 18.24
N LEU A 669 -25.34 -11.61 18.78
CA LEU A 669 -25.41 -11.38 20.23
C LEU A 669 -26.44 -10.29 20.48
N PRO A 670 -27.00 -10.20 21.70
CA PRO A 670 -28.05 -9.22 21.96
C PRO A 670 -27.60 -7.78 21.73
N LYS A 671 -28.42 -6.98 21.06
CA LYS A 671 -28.09 -5.58 20.76
C LYS A 671 -27.66 -4.82 21.99
N ASP A 672 -28.36 -5.03 23.10
CA ASP A 672 -28.08 -4.29 24.32
C ASP A 672 -26.68 -4.61 24.84
N HIS A 673 -26.30 -5.88 24.75
CA HIS A 673 -25.00 -6.36 25.22
C HIS A 673 -23.88 -5.87 24.30
N VAL A 674 -24.14 -5.83 23.01
CA VAL A 674 -23.16 -5.29 22.04
C VAL A 674 -22.88 -3.81 22.31
N GLN A 675 -23.95 -3.03 22.50
CA GLN A 675 -23.79 -1.62 22.79
C GLN A 675 -23.02 -1.40 24.09
N LYS A 676 -23.35 -2.18 25.13
CA LYS A 676 -22.60 -2.06 26.39
C LYS A 676 -21.11 -2.36 26.23
N ALA A 677 -20.80 -3.39 25.46
CA ALA A 677 -19.40 -3.80 25.28
C ALA A 677 -18.65 -2.72 24.49
N LEU A 678 -19.28 -2.17 23.44
CA LEU A 678 -18.64 -1.12 22.64
C LEU A 678 -18.39 0.13 23.46
N LYS A 679 -19.38 0.49 24.28
CA LYS A 679 -19.21 1.62 25.18
C LYS A 679 -18.10 1.38 26.19
N LYS A 680 -18.00 0.16 26.70
CA LYS A 680 -16.93 -0.21 27.62
C LYS A 680 -15.56 -0.07 26.97
N ILE A 681 -15.45 -0.57 25.73
CA ILE A 681 -14.20 -0.48 24.99
C ILE A 681 -13.79 0.97 24.77
N TYR A 682 -14.73 1.82 24.39
CA TYR A 682 -14.43 3.24 24.20
C TYR A 682 -13.99 3.87 25.53
N GLU A 683 -14.73 3.56 26.58
CA GLU A 683 -14.47 4.12 27.92
C GLU A 683 -13.10 3.70 28.46
N PHE A 684 -12.69 2.47 28.16
CA PHE A 684 -11.47 1.92 28.73
C PHE A 684 -10.33 1.89 27.71
N ASN A 685 -10.40 0.95 26.78
CA ASN A 685 -9.32 0.73 25.81
C ASN A 685 -8.95 1.98 25.01
N VAL A 686 -9.90 2.87 24.75
CA VAL A 686 -9.59 4.15 24.10
C VAL A 686 -9.29 5.24 25.13
N MET A 687 -10.31 5.65 25.91
CA MET A 687 -10.19 6.86 26.73
C MET A 687 -9.25 6.75 27.92
N LYS A 688 -9.01 5.55 28.43
CA LYS A 688 -8.00 5.38 29.48
C LYS A 688 -6.60 5.06 28.96
N PHE A 689 -6.45 5.00 27.64
CA PHE A 689 -5.14 4.85 27.02
C PHE A 689 -4.69 6.17 26.41
N GLU A 690 -3.77 6.85 27.09
CA GLU A 690 -3.24 8.14 26.62
C GLU A 690 -4.35 9.10 26.20
N ASN A 691 -5.37 9.20 27.06
CA ASN A 691 -6.48 10.13 26.88
C ASN A 691 -7.20 10.00 25.55
N GLY A 692 -7.24 8.78 25.02
CA GLY A 692 -7.98 8.50 23.80
C GLY A 692 -7.43 9.15 22.54
N LYS A 693 -6.15 9.51 22.56
CA LYS A 693 -5.52 10.21 21.43
C LYS A 693 -4.65 9.33 20.56
N MET A 694 -4.66 8.01 20.80
CA MET A 694 -3.75 7.09 20.11
C MET A 694 -4.38 5.78 19.63
N GLY A 695 -5.71 5.72 19.59
CA GLY A 695 -6.42 4.49 19.19
C GLY A 695 -6.86 3.64 20.37
N ALA A 696 -7.23 2.39 20.10
CA ALA A 696 -7.69 1.45 21.12
C ALA A 696 -6.58 0.48 21.48
N VAL A 697 -6.16 0.45 22.73
CA VAL A 697 -5.18 -0.55 23.16
C VAL A 697 -5.88 -1.91 23.17
N ASN A 698 -5.15 -2.97 22.86
CA ASN A 698 -5.79 -4.27 22.66
C ASN A 698 -6.43 -4.86 23.91
N GLY A 699 -5.74 -4.76 25.05
CA GLY A 699 -6.23 -5.38 26.27
C GLY A 699 -6.16 -4.44 27.46
N MET A 700 -7.28 -4.24 28.12
CA MET A 700 -7.30 -3.48 29.37
C MET A 700 -7.96 -4.25 30.50
N ARG A 701 -7.33 -4.21 31.66
CA ARG A 701 -7.86 -4.82 32.88
C ARG A 701 -9.10 -4.03 33.31
N PRO A 702 -10.06 -4.69 33.98
CA PRO A 702 -11.26 -3.96 34.43
C PRO A 702 -10.96 -2.87 35.47
N ASP A 703 -9.78 -2.87 36.06
CA ASP A 703 -9.34 -1.76 36.93
C ASP A 703 -8.78 -0.55 36.14
N GLY A 704 -8.81 -0.60 34.81
CA GLY A 704 -8.40 0.53 33.98
C GLY A 704 -6.92 0.66 33.74
N ILE A 705 -6.16 -0.42 33.99
CA ILE A 705 -4.75 -0.48 33.69
C ILE A 705 -4.55 -1.48 32.55
N VAL A 706 -3.65 -1.15 31.64
CA VAL A 706 -3.41 -1.97 30.45
C VAL A 706 -2.94 -3.37 30.87
N ASP A 707 -3.45 -4.37 30.17
CA ASP A 707 -3.13 -5.77 30.41
C ASP A 707 -1.69 -6.04 29.98
N GLU A 708 -0.91 -6.63 30.88
CA GLU A 708 0.52 -6.84 30.65
C GLU A 708 0.89 -8.30 30.38
N SER A 709 -0.11 -9.14 30.13
CA SER A 709 0.14 -10.56 29.91
C SER A 709 1.02 -10.79 28.68
N ASP A 710 0.91 -9.90 27.69
CA ASP A 710 1.78 -9.96 26.53
C ASP A 710 1.91 -8.59 25.89
N ILE A 711 3.01 -8.41 25.15
CA ILE A 711 3.24 -7.17 24.40
C ILE A 711 2.05 -6.79 23.52
N GLN A 712 1.43 -7.75 22.85
CA GLN A 712 0.30 -7.42 21.96
C GLN A 712 -0.89 -6.84 22.71
N ALA A 713 -1.08 -7.23 23.98
CA ALA A 713 -2.12 -6.63 24.82
C ALA A 713 -1.88 -5.13 25.06
N GLN A 714 -0.61 -4.74 25.06
CA GLN A 714 -0.18 -3.37 25.35
C GLN A 714 -0.01 -2.52 24.08
N GLU A 715 -0.35 -3.09 22.92
CA GLU A 715 -0.25 -2.41 21.65
C GLU A 715 -1.62 -1.93 21.19
N VAL A 716 -1.64 -0.78 20.53
CA VAL A 716 -2.72 -0.40 19.64
C VAL A 716 -2.41 -1.00 18.28
N TRP A 717 -3.39 -1.72 17.71
CA TRP A 717 -3.26 -2.22 16.35
C TRP A 717 -4.09 -1.28 15.47
N THR A 718 -3.42 -0.61 14.54
CA THR A 718 -4.05 0.41 13.70
C THR A 718 -5.25 -0.15 12.95
N GLY A 719 -5.14 -1.36 12.40
CA GLY A 719 -6.23 -1.95 11.60
C GLY A 719 -7.37 -2.46 12.45
N VAL A 720 -7.03 -2.91 13.67
CA VAL A 720 -8.05 -3.29 14.62
C VAL A 720 -8.86 -2.07 15.04
N THR A 721 -8.16 -0.95 15.27
CA THR A 721 -8.79 0.29 15.71
C THR A 721 -9.69 0.89 14.64
N TYR A 722 -9.23 0.89 13.39
CA TYR A 722 -10.09 1.40 12.33
C TYR A 722 -11.32 0.52 12.14
N ALA A 723 -11.15 -0.80 12.23
CA ALA A 723 -12.28 -1.71 12.11
C ALA A 723 -13.27 -1.51 13.27
N LEU A 724 -12.74 -1.31 14.48
CA LEU A 724 -13.56 -1.02 15.64
C LEU A 724 -14.35 0.29 15.44
N ALA A 725 -13.70 1.27 14.84
CA ALA A 725 -14.38 2.53 14.53
C ALA A 725 -15.54 2.30 13.57
N SER A 726 -15.35 1.44 12.57
CA SER A 726 -16.45 1.14 11.66
C SER A 726 -17.61 0.43 12.40
N PHE A 727 -17.27 -0.49 13.30
CA PHE A 727 -18.26 -1.21 14.12
C PHE A 727 -19.08 -0.21 14.95
N MET A 728 -18.39 0.69 15.64
CA MET A 728 -19.06 1.76 16.38
C MET A 728 -19.96 2.61 15.49
N LYS A 729 -19.45 2.98 14.32
CA LYS A 729 -20.23 3.78 13.39
C LYS A 729 -21.54 3.07 13.00
N TYR A 730 -21.44 1.79 12.67
CA TYR A 730 -22.63 1.02 12.26
C TYR A 730 -23.65 0.98 13.38
N ARG A 731 -23.15 0.93 14.62
CA ARG A 731 -24.01 0.84 15.80
C ARG A 731 -24.46 2.21 16.33
N GLY A 732 -24.27 3.26 15.54
CA GLY A 732 -24.76 4.58 15.89
C GLY A 732 -23.93 5.36 16.89
N MET A 733 -22.75 4.86 17.24
CA MET A 733 -21.82 5.52 18.17
C MET A 733 -20.90 6.40 17.34
N THR A 734 -21.49 7.42 16.73
CA THR A 734 -20.81 8.21 15.72
C THR A 734 -19.62 8.99 16.29
N GLU A 735 -19.82 9.73 17.39
CA GLU A 735 -18.72 10.45 18.01
C GLU A 735 -17.61 9.50 18.42
N GLU A 736 -17.98 8.40 19.07
CA GLU A 736 -16.99 7.44 19.55
C GLU A 736 -16.19 6.85 18.39
N ALA A 737 -16.88 6.53 17.30
CA ALA A 737 -16.23 5.96 16.12
C ALA A 737 -15.13 6.88 15.58
N TYR A 738 -15.50 8.12 15.31
CA TYR A 738 -14.54 9.05 14.74
C TYR A 738 -13.47 9.47 15.74
N ASN A 739 -13.81 9.59 17.01
CA ASN A 739 -12.78 9.88 18.01
C ASN A 739 -11.75 8.74 18.13
N THR A 740 -12.24 7.51 18.05
CA THR A 740 -11.39 6.32 18.09
C THR A 740 -10.45 6.32 16.88
N ALA A 741 -11.01 6.52 15.69
CA ALA A 741 -10.19 6.56 14.47
C ALA A 741 -9.23 7.76 14.43
N TYR A 742 -9.65 8.90 14.99
CA TYR A 742 -8.83 10.10 14.94
C TYR A 742 -7.45 9.89 15.55
N GLY A 743 -7.37 9.10 16.63
CA GLY A 743 -6.09 8.78 17.26
C GLY A 743 -5.10 8.12 16.32
N VAL A 744 -5.60 7.27 15.44
CA VAL A 744 -4.77 6.59 14.47
C VAL A 744 -4.33 7.59 13.39
N TYR A 745 -5.26 8.40 12.91
CA TYR A 745 -4.92 9.45 11.95
C TYR A 745 -3.85 10.37 12.55
N LYS A 746 -4.05 10.77 13.79
CA LYS A 746 -3.17 11.75 14.43
C LYS A 746 -1.75 11.21 14.54
N MET A 747 -1.63 10.01 15.06
CA MET A 747 -0.33 9.35 15.19
C MET A 747 0.38 9.17 13.84
N THR A 748 -0.39 8.87 12.81
CA THR A 748 0.18 8.61 11.49
C THR A 748 0.57 9.88 10.74
N TYR A 749 -0.32 10.87 10.73
CA TYR A 749 -0.19 12.02 9.81
C TYR A 749 0.07 13.38 10.41
N ASP A 750 -0.31 13.58 11.68
CA ASP A 750 -0.31 14.91 12.27
C ASP A 750 1.06 15.32 12.79
N LYS A 751 1.28 16.62 12.85
CA LYS A 751 2.51 17.18 13.42
C LYS A 751 2.80 16.69 14.83
N SER A 752 1.74 16.40 15.58
CA SER A 752 1.85 15.91 16.95
C SER A 752 2.03 14.39 17.03
N GLY A 753 2.07 13.71 15.87
CA GLY A 753 2.18 12.26 15.83
C GLY A 753 3.60 11.78 15.77
N LYS A 754 3.80 10.59 15.19
CA LYS A 754 5.10 9.93 15.19
C LYS A 754 5.73 9.75 13.81
N GLY A 755 5.12 10.36 12.79
CA GLY A 755 5.74 10.42 11.48
C GLY A 755 5.70 9.12 10.71
N TYR A 756 4.51 8.53 10.61
CA TYR A 756 4.35 7.23 9.96
C TYR A 756 3.61 7.31 8.63
N TRP A 757 3.45 8.51 8.09
CA TRP A 757 2.81 8.68 6.80
C TRP A 757 3.45 7.81 5.73
N PHE A 758 2.61 7.12 4.96
CA PHE A 758 3.04 6.21 3.90
C PHE A 758 3.89 5.07 4.40
N ARG A 759 3.73 4.75 5.68
CA ARG A 759 4.31 3.51 6.22
C ARG A 759 3.56 3.10 7.48
N THR A 760 2.25 3.23 7.47
CA THR A 760 1.43 2.95 8.65
C THR A 760 1.79 1.58 9.23
N PRO A 761 2.13 1.54 10.53
CA PRO A 761 2.57 0.27 11.10
C PRO A 761 1.41 -0.60 11.57
N GLU A 762 1.72 -1.86 11.88
CA GLU A 762 0.77 -2.71 12.59
C GLU A 762 0.37 -2.05 13.92
N ALA A 763 1.38 -1.67 14.70
CA ALA A 763 1.16 -1.38 16.10
C ALA A 763 2.05 -0.30 16.65
N TRP A 764 1.56 0.36 17.71
CA TRP A 764 2.43 1.15 18.56
C TRP A 764 2.08 0.92 20.01
N THR A 765 3.05 1.18 20.87
CA THR A 765 2.86 1.15 22.31
C THR A 765 2.59 2.57 22.81
N LYS A 766 2.40 2.73 24.12
CA LYS A 766 2.02 4.03 24.67
C LYS A 766 3.04 5.16 24.44
N ASP A 767 4.32 4.81 24.27
CA ASP A 767 5.37 5.79 23.95
C ASP A 767 5.35 6.24 22.49
N GLY A 768 4.47 5.60 21.69
CA GLY A 768 4.32 5.96 20.29
C GLY A 768 5.27 5.23 19.34
N ASN A 769 6.23 4.48 19.87
CA ASN A 769 7.12 3.70 19.04
C ASN A 769 6.40 2.48 18.46
N TYR A 770 6.93 1.93 17.37
CA TYR A 770 6.13 1.05 16.52
C TYR A 770 6.66 -0.35 16.32
N ARG A 771 5.77 -1.22 15.84
CA ARG A 771 6.18 -2.51 15.29
C ARG A 771 5.59 -2.67 13.90
N ALA A 772 6.48 -2.93 12.94
CA ALA A 772 6.17 -3.37 11.58
C ALA A 772 5.53 -2.26 10.74
N SER A 773 6.37 -1.32 10.32
CA SER A 773 5.92 -0.26 9.40
C SER A 773 5.53 -0.87 8.06
N MET A 774 4.75 -0.14 7.29
CA MET A 774 4.27 -0.57 5.96
C MET A 774 3.47 -1.86 6.10
N TYR A 775 2.30 -1.73 6.69
CA TYR A 775 1.53 -2.88 7.16
C TYR A 775 0.15 -2.98 6.51
N MET A 776 -0.32 -4.21 6.28
CA MET A 776 -1.56 -4.45 5.52
C MET A 776 -2.83 -4.06 6.29
N ARG A 777 -2.84 -4.33 7.59
CA ARG A 777 -4.10 -4.27 8.35
C ARG A 777 -4.84 -2.92 8.33
N PRO A 778 -4.14 -1.76 8.39
CA PRO A 778 -4.87 -0.48 8.46
C PRO A 778 -5.63 -0.08 7.20
N LEU A 779 -5.48 -0.84 6.11
CA LEU A 779 -6.41 -0.72 4.99
C LEU A 779 -7.86 -0.93 5.41
N SER A 780 -8.07 -1.50 6.60
CA SER A 780 -9.40 -1.66 7.16
C SER A 780 -10.17 -0.36 7.36
N ILE A 781 -9.49 0.80 7.26
CA ILE A 781 -10.23 2.07 7.34
C ILE A 781 -11.37 2.10 6.33
N TRP A 782 -11.22 1.41 5.20
CA TRP A 782 -12.28 1.37 4.18
C TRP A 782 -13.55 0.68 4.65
N SER A 783 -13.49 -0.11 5.72
CA SER A 783 -14.72 -0.63 6.34
C SER A 783 -15.63 0.48 6.88
N MET A 784 -15.05 1.66 7.14
CA MET A 784 -15.86 2.82 7.55
C MET A 784 -16.72 3.38 6.40
N GLU A 785 -16.47 2.94 5.17
CA GLU A 785 -17.23 3.41 3.98
C GLU A 785 -18.31 2.44 3.52
N VAL A 786 -18.53 1.37 4.28
CA VAL A 786 -19.49 0.33 3.88
C VAL A 786 -20.94 0.83 3.87
#